data_8PL0
#
_entry.id   8PL0
#
_cell.length_a   62.626
_cell.length_b   103.919
_cell.length_c   134.140
_cell.angle_alpha   90.000
_cell.angle_beta   91.970
_cell.angle_gamma   90.000
#
_symmetry.space_group_name_H-M   'P 1 21 1'
#
loop_
_entity.id
_entity.type
_entity.pdbx_description
1 polymer 'Thioredoxin glutathione reductase'
2 non-polymer 'FLAVIN-ADENINE DINUCLEOTIDE'
3 non-polymer 2-(4-fluorophenoxy)-1-(pyrrolidin-1-yl)ethan-1-one
4 water water
#
_entity_poly.entity_id   1
_entity_poly.type   'polypeptide(L)'
_entity_poly.pdbx_seq_one_letter_code
;GPPPADGTSQWLRKTVDSAAVILFSKTTCPYCKKVKDVLAEAKIKHATIELDQLSNGSAIQKCLASFSKIETVPQMFVRG
KFIGDSQTVLKYYSNDELAGIVNESKYDYDLIVIGGGSGGLAAGKEAAKYGAKTAVLDYVEPTPIGTTWGLGGTCVNVGC
IPKKLMHQAGLLSHALEDAEHFGWSLDRSKISHNWSTMVEGVQSHIGSLNWGYKVALRDNQVTYLNAKGRLISPHEVQIT
DKNQKVSTITGNKIILATGERPKYPEIPGAVEYGITSDDLFSLPYFPGKTLVIGASYVALECAGFLASLGGDVTVMVRSI
LLRGFDQQMAEKVGDYMENHGVKFAKLCVPDEIKQLKVVDTENNKPGLLLVKGHYTDGKKFEEEFETVIFAVGREPQLSK
VLCETVGVKLDKNGRVVCTDDEQTTVSNVYAIGDINAGKPQLTPVAIQAGRYLARRLFAGATELTDYSNVATTVFTPLEY
GACGLSEEDAIEKYGDKDIEVYHSNFKPLEWTVAHREDNVCYMKLVCRKSDNMRVLGLHVLGPNAGEITQGYAVAIKMGA
TKADFDRTIGIHPTCSETFTTLHVTKKSGVSPIVSGC
;
_entity_poly.pdbx_strand_id   A,B
#
# COMPACT_ATOMS: atom_id res chain seq x y z
N GLY A 7 -17.42 17.72 14.11
CA GLY A 7 -18.85 17.53 13.90
C GLY A 7 -19.14 17.17 12.46
N THR A 8 -19.07 18.18 11.59
CA THR A 8 -19.19 17.93 10.16
C THR A 8 -18.06 17.04 9.66
N SER A 9 -16.83 17.31 10.10
CA SER A 9 -15.69 16.55 9.60
C SER A 9 -15.73 15.08 10.03
N GLN A 10 -16.23 14.79 11.24
CA GLN A 10 -16.34 13.39 11.64
C GLN A 10 -17.43 12.65 10.87
N TRP A 11 -18.53 13.33 10.52
CA TRP A 11 -19.55 12.72 9.66
C TRP A 11 -19.00 12.41 8.27
N LEU A 12 -18.23 13.33 7.70
CA LEU A 12 -17.76 13.13 6.32
C LEU A 12 -16.81 11.95 6.25
N ARG A 13 -15.91 11.84 7.25
CA ARG A 13 -14.95 10.75 7.28
C ARG A 13 -15.66 9.40 7.44
N LYS A 14 -16.69 9.33 8.28
CA LYS A 14 -17.43 8.09 8.44
C LYS A 14 -18.16 7.71 7.15
N THR A 15 -18.74 8.72 6.48
CA THR A 15 -19.49 8.48 5.25
C THR A 15 -18.60 8.02 4.11
N VAL A 16 -17.46 8.70 3.92
CA VAL A 16 -16.54 8.31 2.84
C VAL A 16 -15.98 6.92 3.09
N ASP A 17 -15.68 6.59 4.36
CA ASP A 17 -15.03 5.31 4.66
C ASP A 17 -15.92 4.12 4.31
N SER A 18 -17.23 4.23 4.55
CA SER A 18 -18.08 3.05 4.41
C SER A 18 -18.95 3.03 3.16
N ALA A 19 -19.21 4.16 2.50
CA ALA A 19 -19.96 4.13 1.26
C ALA A 19 -19.23 3.27 0.21
N ALA A 20 -20.01 2.50 -0.57
CA ALA A 20 -19.41 1.71 -1.63
C ALA A 20 -19.04 2.56 -2.83
N VAL A 21 -20.00 3.34 -3.35
CA VAL A 21 -19.78 4.28 -4.45
C VAL A 21 -20.62 5.52 -4.16
N ILE A 22 -19.99 6.69 -4.09
CA ILE A 22 -20.71 7.89 -3.71
C ILE A 22 -20.21 9.09 -4.51
N LEU A 23 -21.14 9.96 -4.88
CA LEU A 23 -20.89 11.16 -5.67
C LEU A 23 -21.32 12.37 -4.88
N PHE A 24 -20.39 13.32 -4.69
CA PHE A 24 -20.74 14.62 -4.12
C PHE A 24 -21.02 15.60 -5.25
N SER A 25 -22.13 16.33 -5.13
CA SER A 25 -22.78 16.91 -6.30
C SER A 25 -23.51 18.19 -5.92
N LYS A 26 -23.94 18.92 -6.94
CA LYS A 26 -24.92 20.00 -6.80
C LYS A 26 -25.94 19.88 -7.93
N THR A 27 -27.20 20.16 -7.60
CA THR A 27 -28.30 19.98 -8.55
C THR A 27 -28.17 20.87 -9.78
N THR A 28 -27.44 21.99 -9.66
CA THR A 28 -27.39 23.02 -10.68
C THR A 28 -26.17 22.91 -11.59
N CYS A 29 -25.32 21.89 -11.42
CA CYS A 29 -24.02 21.88 -12.10
C CYS A 29 -24.06 20.94 -13.29
N PRO A 30 -23.77 21.40 -14.50
CA PRO A 30 -23.80 20.51 -15.67
C PRO A 30 -22.67 19.49 -15.67
N TYR A 31 -21.55 19.77 -14.99
CA TYR A 31 -20.49 18.76 -14.89
C TYR A 31 -20.94 17.58 -14.03
N CYS A 32 -21.69 17.85 -12.97
CA CYS A 32 -22.22 16.75 -12.17
C CYS A 32 -23.25 15.94 -12.95
N LYS A 33 -24.10 16.62 -13.73
CA LYS A 33 -25.05 15.90 -14.59
C LYS A 33 -24.33 15.02 -15.59
N LYS A 34 -23.21 15.49 -16.16
CA LYS A 34 -22.46 14.68 -17.11
C LYS A 34 -21.93 13.41 -16.46
N VAL A 35 -21.42 13.52 -15.23
CA VAL A 35 -20.93 12.32 -14.54
C VAL A 35 -22.08 11.40 -14.17
N LYS A 36 -23.21 11.97 -13.72
CA LYS A 36 -24.39 11.15 -13.42
C LYS A 36 -24.80 10.33 -14.63
N ASP A 37 -24.80 10.95 -15.81
CA ASP A 37 -25.22 10.28 -17.03
C ASP A 37 -24.27 9.15 -17.44
N VAL A 38 -22.97 9.32 -17.19
CA VAL A 38 -22.04 8.24 -17.50
C VAL A 38 -22.26 7.06 -16.56
N LEU A 39 -22.45 7.31 -15.27
CA LEU A 39 -22.63 6.21 -14.32
C LEU A 39 -23.92 5.44 -14.63
N ALA A 40 -24.99 6.16 -14.99
CA ALA A 40 -26.23 5.49 -15.39
C ALA A 40 -26.03 4.62 -16.63
N GLU A 41 -25.27 5.12 -17.61
CA GLU A 41 -25.10 4.34 -18.84
C GLU A 41 -24.23 3.12 -18.61
N ALA A 42 -23.30 3.18 -17.67
CA ALA A 42 -22.47 2.03 -17.33
C ALA A 42 -23.14 1.12 -16.30
N LYS A 43 -24.37 1.43 -15.88
CA LYS A 43 -25.10 0.64 -14.89
C LYS A 43 -24.37 0.53 -13.56
N ILE A 44 -23.73 1.62 -13.16
CA ILE A 44 -23.04 1.73 -11.87
C ILE A 44 -23.98 2.41 -10.89
N LYS A 45 -24.47 1.65 -9.90
CA LYS A 45 -25.30 2.23 -8.86
C LYS A 45 -24.43 2.93 -7.81
N HIS A 46 -24.99 3.99 -7.22
CA HIS A 46 -24.24 4.85 -6.31
C HIS A 46 -25.16 5.74 -5.48
N ALA A 47 -24.68 6.11 -4.30
CA ALA A 47 -25.30 7.16 -3.53
C ALA A 47 -24.90 8.53 -4.09
N THR A 48 -25.73 9.54 -3.82
CA THR A 48 -25.47 10.92 -4.21
C THR A 48 -25.83 11.84 -3.07
N ILE A 49 -24.96 12.81 -2.78
CA ILE A 49 -25.22 13.84 -1.79
C ILE A 49 -25.17 15.19 -2.49
N GLU A 50 -26.30 15.90 -2.50
CA GLU A 50 -26.42 17.19 -3.19
C GLU A 50 -26.10 18.31 -2.21
N LEU A 51 -24.90 18.87 -2.31
CA LEU A 51 -24.43 19.82 -1.30
C LEU A 51 -25.31 21.04 -1.19
N ASP A 52 -25.96 21.45 -2.29
CA ASP A 52 -26.81 22.63 -2.28
C ASP A 52 -28.17 22.39 -1.64
N GLN A 53 -28.48 21.16 -1.21
CA GLN A 53 -29.71 20.89 -0.46
C GLN A 53 -29.47 20.79 1.03
N LEU A 54 -28.23 21.01 1.50
CA LEU A 54 -27.89 20.88 2.90
C LEU A 54 -27.39 22.23 3.42
N SER A 55 -27.86 22.61 4.61
CA SER A 55 -27.57 23.93 5.14
C SER A 55 -26.13 24.11 5.58
N ASN A 56 -25.36 23.04 5.74
CA ASN A 56 -23.93 23.16 5.96
C ASN A 56 -23.12 22.61 4.79
N GLY A 57 -23.69 22.69 3.58
CA GLY A 57 -23.00 22.21 2.40
C GLY A 57 -21.70 22.94 2.13
N SER A 58 -21.63 24.22 2.49
CA SER A 58 -20.39 24.97 2.36
C SER A 58 -19.28 24.31 3.17
N ALA A 59 -19.55 24.04 4.45
CA ALA A 59 -18.55 23.38 5.29
C ALA A 59 -18.16 22.02 4.73
N ILE A 60 -19.13 21.22 4.28
CA ILE A 60 -18.81 19.89 3.76
C ILE A 60 -17.84 20.01 2.58
N GLN A 61 -18.09 20.96 1.69
CA GLN A 61 -17.24 21.16 0.53
C GLN A 61 -15.80 21.45 0.94
N LYS A 62 -15.61 22.25 2.01
CA LYS A 62 -14.24 22.50 2.48
C LYS A 62 -13.63 21.25 3.10
N CYS A 63 -14.43 20.45 3.80
CA CYS A 63 -13.91 19.24 4.42
C CYS A 63 -13.47 18.21 3.38
N LEU A 64 -14.18 18.15 2.24
CA LEU A 64 -13.80 17.21 1.18
C LEU A 64 -12.35 17.36 0.76
N ALA A 65 -11.81 18.58 0.83
CA ALA A 65 -10.44 18.81 0.38
C ALA A 65 -9.43 18.03 1.20
N SER A 66 -9.75 17.71 2.46
CA SER A 66 -8.85 16.89 3.26
C SER A 66 -8.66 15.50 2.66
N PHE A 67 -9.58 15.06 1.80
CA PHE A 67 -9.51 13.76 1.16
C PHE A 67 -8.97 13.81 -0.27
N SER A 68 -9.36 14.82 -1.04
CA SER A 68 -9.11 14.87 -2.48
C SER A 68 -8.11 15.94 -2.90
N LYS A 69 -7.77 16.88 -2.01
CA LYS A 69 -6.98 18.06 -2.30
C LYS A 69 -7.72 19.05 -3.21
N ILE A 70 -9.02 18.85 -3.45
CA ILE A 70 -9.81 19.81 -4.22
C ILE A 70 -11.09 20.15 -3.49
N GLU A 71 -11.67 21.31 -3.84
CA GLU A 71 -12.82 21.91 -3.15
C GLU A 71 -14.00 22.16 -4.09
N THR A 72 -14.04 21.51 -5.24
CA THR A 72 -15.11 21.67 -6.22
C THR A 72 -15.96 20.41 -6.29
N VAL A 73 -17.09 20.50 -6.99
CA VAL A 73 -17.92 19.33 -7.34
C VAL A 73 -17.92 19.17 -8.86
N PRO A 74 -18.06 17.95 -9.39
CA PRO A 74 -18.30 16.67 -8.70
C PRO A 74 -17.04 16.05 -8.10
N GLN A 75 -17.20 15.24 -7.06
CA GLN A 75 -16.15 14.38 -6.54
C GLN A 75 -16.73 12.98 -6.36
N MET A 76 -16.08 11.98 -6.95
CA MET A 76 -16.56 10.61 -6.85
C MET A 76 -15.58 9.77 -6.03
N PHE A 77 -16.12 8.98 -5.10
CA PHE A 77 -15.37 8.09 -4.22
C PHE A 77 -15.82 6.65 -4.40
N VAL A 78 -14.90 5.72 -4.19
CA VAL A 78 -15.16 4.28 -4.19
C VAL A 78 -14.47 3.68 -2.96
N ARG A 79 -15.27 3.17 -2.04
CA ARG A 79 -14.82 2.42 -0.86
C ARG A 79 -13.70 3.18 -0.14
N GLY A 80 -13.91 4.48 0.06
CA GLY A 80 -12.99 5.30 0.83
C GLY A 80 -11.92 6.03 0.04
N LYS A 81 -11.79 5.76 -1.25
CA LYS A 81 -10.73 6.33 -2.09
C LYS A 81 -11.30 7.36 -3.06
N PHE A 82 -10.67 8.54 -3.11
CA PHE A 82 -11.02 9.54 -4.11
C PHE A 82 -10.61 9.06 -5.49
N ILE A 83 -11.59 9.05 -6.41
CA ILE A 83 -11.40 8.56 -7.77
C ILE A 83 -11.14 9.70 -8.75
N GLY A 84 -11.96 10.75 -8.74
CA GLY A 84 -11.66 11.87 -9.61
C GLY A 84 -12.77 12.90 -9.68
N ASP A 85 -12.46 13.97 -10.42
CA ASP A 85 -13.42 15.00 -10.79
C ASP A 85 -14.03 14.62 -12.14
N SER A 86 -14.64 15.59 -12.85
CA SER A 86 -15.32 15.29 -14.11
C SER A 86 -14.35 14.77 -15.18
N GLN A 87 -13.29 15.55 -15.48
CA GLN A 87 -12.37 15.12 -16.54
C GLN A 87 -11.79 13.73 -16.26
N THR A 88 -11.49 13.43 -14.99
CA THR A 88 -10.86 12.16 -14.65
C THR A 88 -11.83 11.00 -14.79
N VAL A 89 -13.08 11.15 -14.32
CA VAL A 89 -14.04 10.05 -14.47
C VAL A 89 -14.28 9.74 -15.93
N LEU A 90 -14.44 10.78 -16.75
CA LEU A 90 -14.70 10.58 -18.18
C LEU A 90 -13.51 9.91 -18.87
N LYS A 91 -12.28 10.24 -18.44
CA LYS A 91 -11.10 9.57 -18.96
C LYS A 91 -11.14 8.07 -18.67
N TYR A 92 -11.48 7.70 -17.42
CA TYR A 92 -11.57 6.28 -17.10
C TYR A 92 -12.64 5.60 -17.94
N TYR A 93 -13.75 6.29 -18.18
CA TYR A 93 -14.86 5.71 -18.94
C TYR A 93 -14.45 5.44 -20.40
N SER A 94 -13.88 6.44 -21.08
CA SER A 94 -13.57 6.25 -22.49
C SER A 94 -12.38 5.32 -22.70
N ASN A 95 -11.54 5.12 -21.67
CA ASN A 95 -10.46 4.15 -21.74
C ASN A 95 -10.86 2.77 -21.19
N ASP A 96 -12.15 2.55 -20.91
CA ASP A 96 -12.64 1.26 -20.42
C ASP A 96 -11.95 0.83 -19.13
N GLU A 97 -11.56 1.79 -18.29
CA GLU A 97 -10.95 1.50 -17.00
C GLU A 97 -11.93 1.62 -15.84
N LEU A 98 -13.10 2.22 -16.05
CA LEU A 98 -13.98 2.57 -14.93
C LEU A 98 -14.58 1.34 -14.26
N ALA A 99 -15.00 0.35 -15.06
CA ALA A 99 -15.63 -0.84 -14.48
C ALA A 99 -14.73 -1.50 -13.44
N GLY A 100 -13.45 -1.68 -13.77
CA GLY A 100 -12.54 -2.33 -12.84
C GLY A 100 -12.29 -1.50 -11.60
N ILE A 101 -12.33 -0.18 -11.74
CA ILE A 101 -12.11 0.72 -10.61
C ILE A 101 -13.25 0.60 -9.60
N VAL A 102 -14.49 0.61 -10.08
CA VAL A 102 -15.63 0.61 -9.14
C VAL A 102 -15.87 -0.76 -8.53
N ASN A 103 -15.25 -1.82 -9.06
CA ASN A 103 -15.42 -3.15 -8.52
C ASN A 103 -14.25 -3.59 -7.64
N GLU A 104 -13.25 -2.74 -7.48
CA GLU A 104 -12.11 -3.06 -6.63
C GLU A 104 -12.53 -3.10 -5.16
N SER A 105 -12.25 -4.21 -4.48
CA SER A 105 -12.64 -4.34 -3.09
C SER A 105 -11.69 -5.25 -2.32
N LYS A 106 -11.42 -4.87 -1.07
CA LYS A 106 -10.71 -5.73 -0.13
C LYS A 106 -11.49 -7.00 0.20
N TYR A 107 -12.81 -6.98 0.06
CA TYR A 107 -13.69 -8.05 0.50
C TYR A 107 -14.55 -8.56 -0.65
N ASP A 108 -15.11 -9.76 -0.50
CA ASP A 108 -16.02 -10.27 -1.51
C ASP A 108 -17.26 -9.39 -1.65
N TYR A 109 -17.78 -8.90 -0.52
CA TYR A 109 -19.03 -8.14 -0.48
C TYR A 109 -18.87 -6.89 0.39
N ASP A 110 -19.59 -5.83 0.01
CA ASP A 110 -19.68 -4.68 0.91
C ASP A 110 -20.54 -5.02 2.14
N LEU A 111 -21.55 -5.88 1.97
CA LEU A 111 -22.49 -6.23 3.03
C LEU A 111 -22.84 -7.71 2.92
N ILE A 112 -22.74 -8.43 4.04
CA ILE A 112 -23.34 -9.76 4.17
C ILE A 112 -24.42 -9.69 5.23
N VAL A 113 -25.65 -10.08 4.86
CA VAL A 113 -26.78 -10.22 5.78
C VAL A 113 -26.97 -11.71 6.10
N ILE A 114 -26.94 -12.06 7.39
CA ILE A 114 -27.21 -13.43 7.82
C ILE A 114 -28.65 -13.49 8.28
N GLY A 115 -29.50 -14.09 7.45
CA GLY A 115 -30.92 -14.20 7.77
C GLY A 115 -31.80 -13.46 6.77
N GLY A 116 -32.69 -14.21 6.11
CA GLY A 116 -33.53 -13.63 5.06
C GLY A 116 -34.98 -13.46 5.47
N GLY A 117 -35.20 -12.75 6.59
CA GLY A 117 -36.55 -12.45 7.06
C GLY A 117 -36.97 -11.00 6.92
N SER A 118 -37.89 -10.57 7.80
CA SER A 118 -38.42 -9.20 7.75
C SER A 118 -37.31 -8.16 7.72
N GLY A 119 -36.39 -8.24 8.70
CA GLY A 119 -35.33 -7.23 8.78
C GLY A 119 -34.27 -7.41 7.72
N GLY A 120 -33.80 -8.64 7.53
CA GLY A 120 -32.65 -8.88 6.66
C GLY A 120 -32.94 -8.62 5.19
N LEU A 121 -34.12 -9.02 4.71
CA LEU A 121 -34.49 -8.70 3.33
C LEU A 121 -34.61 -7.21 3.12
N ALA A 122 -35.17 -6.49 4.10
CA ALA A 122 -35.33 -5.04 3.98
C ALA A 122 -33.97 -4.35 3.93
N ALA A 123 -33.06 -4.77 4.81
CA ALA A 123 -31.72 -4.16 4.84
C ALA A 123 -30.97 -4.44 3.56
N GLY A 124 -31.04 -5.67 3.05
CA GLY A 124 -30.25 -6.02 1.87
C GLY A 124 -30.71 -5.30 0.62
N LYS A 125 -32.03 -5.22 0.42
N LYS A 125 -32.03 -5.22 0.42
CA LYS A 125 -32.54 -4.54 -0.78
CA LYS A 125 -32.54 -4.54 -0.77
C LYS A 125 -32.18 -3.06 -0.75
C LYS A 125 -32.18 -3.06 -0.75
N GLU A 126 -32.27 -2.44 0.42
CA GLU A 126 -31.98 -1.00 0.52
C GLU A 126 -30.50 -0.72 0.29
N ALA A 127 -29.61 -1.55 0.86
CA ALA A 127 -28.17 -1.32 0.64
C ALA A 127 -27.80 -1.41 -0.83
N ALA A 128 -28.36 -2.39 -1.55
CA ALA A 128 -28.03 -2.56 -2.97
C ALA A 128 -28.41 -1.34 -3.80
N LYS A 129 -29.42 -0.58 -3.36
CA LYS A 129 -29.82 0.61 -4.11
C LYS A 129 -28.72 1.66 -4.16
N TYR A 130 -27.77 1.65 -3.24
CA TYR A 130 -26.71 2.66 -3.23
C TYR A 130 -25.38 2.10 -3.73
N GLY A 131 -25.40 0.98 -4.43
CA GLY A 131 -24.20 0.40 -4.98
C GLY A 131 -23.47 -0.60 -4.10
N ALA A 132 -23.97 -0.87 -2.89
CA ALA A 132 -23.31 -1.87 -2.06
C ALA A 132 -23.47 -3.25 -2.69
N LYS A 133 -22.35 -3.95 -2.90
CA LYS A 133 -22.38 -5.31 -3.39
C LYS A 133 -22.79 -6.22 -2.23
N THR A 134 -23.95 -6.89 -2.34
CA THR A 134 -24.65 -7.43 -1.18
C THR A 134 -24.97 -8.90 -1.35
N ALA A 135 -24.84 -9.65 -0.24
CA ALA A 135 -25.28 -11.05 -0.17
C ALA A 135 -26.27 -11.21 0.97
N VAL A 136 -27.39 -11.91 0.70
CA VAL A 136 -28.34 -12.31 1.73
C VAL A 136 -28.32 -13.83 1.84
N LEU A 137 -28.09 -14.34 3.06
CA LEU A 137 -28.07 -15.76 3.36
C LEU A 137 -29.36 -16.09 4.11
N ASP A 138 -30.03 -17.17 3.70
CA ASP A 138 -31.20 -17.65 4.45
C ASP A 138 -31.27 -19.17 4.43
N TYR A 139 -31.55 -19.77 5.59
CA TYR A 139 -31.73 -21.21 5.75
C TYR A 139 -32.79 -21.45 6.81
N VAL A 140 -33.66 -22.45 6.59
CA VAL A 140 -34.75 -22.78 7.52
C VAL A 140 -34.48 -24.16 8.09
N GLU A 141 -34.00 -24.22 9.34
CA GLU A 141 -33.82 -25.50 10.01
C GLU A 141 -35.18 -26.16 10.22
N PRO A 142 -35.38 -27.39 9.78
CA PRO A 142 -36.70 -28.03 9.90
C PRO A 142 -37.12 -28.23 11.35
N THR A 143 -38.45 -28.22 11.57
CA THR A 143 -39.02 -28.55 12.87
C THR A 143 -38.79 -30.03 13.20
N PRO A 144 -39.01 -30.44 14.47
CA PRO A 144 -38.85 -31.87 14.81
C PRO A 144 -39.65 -32.83 13.94
N ILE A 145 -40.87 -32.49 13.49
CA ILE A 145 -41.58 -33.38 12.58
C ILE A 145 -41.19 -33.18 11.12
N GLY A 146 -40.30 -32.24 10.81
CA GLY A 146 -39.80 -32.10 9.46
C GLY A 146 -40.29 -30.90 8.65
N THR A 147 -41.14 -30.05 9.22
CA THR A 147 -41.68 -28.91 8.49
C THR A 147 -40.60 -27.91 8.11
N THR A 148 -40.67 -27.41 6.86
CA THR A 148 -39.80 -26.34 6.39
C THR A 148 -40.58 -25.45 5.42
N TRP A 149 -39.96 -24.33 5.00
CA TRP A 149 -40.64 -23.34 4.15
C TRP A 149 -39.60 -22.48 3.42
N GLY A 150 -40.10 -21.51 2.64
CA GLY A 150 -39.29 -20.73 1.72
C GLY A 150 -38.83 -19.38 2.27
N LEU A 151 -38.29 -18.57 1.35
CA LEU A 151 -37.68 -17.29 1.70
C LEU A 151 -38.70 -16.30 2.28
N GLY A 152 -38.28 -15.57 3.32
CA GLY A 152 -39.09 -14.47 3.81
C GLY A 152 -39.22 -14.33 5.31
N GLY A 153 -38.82 -15.36 6.07
CA GLY A 153 -38.78 -15.30 7.53
C GLY A 153 -40.07 -15.73 8.23
N THR A 154 -40.11 -15.47 9.54
CA THR A 154 -41.18 -15.98 10.39
C THR A 154 -42.55 -15.38 10.05
N CYS A 155 -42.62 -14.04 9.91
CA CYS A 155 -43.92 -13.40 9.66
C CYS A 155 -44.58 -13.95 8.40
N VAL A 156 -43.83 -14.00 7.31
CA VAL A 156 -44.36 -14.37 6.00
C VAL A 156 -44.83 -15.82 5.99
N ASN A 157 -44.05 -16.74 6.57
CA ASN A 157 -44.28 -18.19 6.43
C ASN A 157 -45.06 -18.82 7.58
N VAL A 158 -44.79 -18.41 8.83
CA VAL A 158 -45.33 -19.09 10.00
C VAL A 158 -45.69 -18.08 11.10
N GLY A 159 -46.10 -16.87 10.70
CA GLY A 159 -46.39 -15.81 11.66
C GLY A 159 -47.54 -14.89 11.22
N CYS A 160 -47.28 -13.58 11.13
CA CYS A 160 -48.37 -12.60 10.98
C CYS A 160 -49.31 -12.93 9.81
N ILE A 161 -48.76 -13.36 8.68
CA ILE A 161 -49.51 -13.49 7.42
C ILE A 161 -50.46 -14.69 7.51
N PRO A 162 -50.01 -15.94 7.73
CA PRO A 162 -50.99 -17.02 7.84
C PRO A 162 -51.90 -16.89 9.05
N LYS A 163 -51.42 -16.34 10.17
CA LYS A 163 -52.30 -16.31 11.32
C LYS A 163 -53.42 -15.28 11.13
N LYS A 164 -53.16 -14.15 10.46
CA LYS A 164 -54.27 -13.21 10.25
C LYS A 164 -55.24 -13.73 9.17
N LEU A 165 -54.75 -14.53 8.21
CA LEU A 165 -55.66 -15.11 7.23
C LEU A 165 -56.58 -16.13 7.87
N MET A 166 -56.06 -16.92 8.84
CA MET A 166 -56.89 -17.88 9.56
C MET A 166 -57.84 -17.16 10.52
N HIS A 167 -57.38 -16.06 11.12
CA HIS A 167 -58.27 -15.19 11.90
C HIS A 167 -59.43 -14.69 11.04
N GLN A 168 -59.16 -14.28 9.80
CA GLN A 168 -60.25 -13.83 8.92
C GLN A 168 -61.24 -14.94 8.64
N ALA A 169 -60.76 -16.17 8.46
CA ALA A 169 -61.66 -17.29 8.26
C ALA A 169 -62.57 -17.47 9.48
N GLY A 170 -62.01 -17.27 10.67
CA GLY A 170 -62.83 -17.32 11.88
C GLY A 170 -63.85 -16.20 11.95
N LEU A 171 -63.43 -14.96 11.63
CA LEU A 171 -64.35 -13.82 11.64
C LEU A 171 -65.52 -14.04 10.70
N LEU A 172 -65.28 -14.69 9.55
CA LEU A 172 -66.36 -14.92 8.60
C LEU A 172 -67.44 -15.84 9.15
N SER A 173 -67.15 -16.65 10.18
CA SER A 173 -68.21 -17.44 10.82
C SER A 173 -69.27 -16.53 11.43
N HIS A 174 -68.85 -15.47 12.13
CA HIS A 174 -69.84 -14.55 12.70
C HIS A 174 -70.49 -13.69 11.62
N ALA A 175 -69.79 -13.42 10.52
CA ALA A 175 -70.42 -12.71 9.41
C ALA A 175 -71.57 -13.52 8.82
N LEU A 176 -71.40 -14.85 8.72
CA LEU A 176 -72.48 -15.70 8.23
C LEU A 176 -73.70 -15.63 9.17
N GLU A 177 -73.46 -15.62 10.49
CA GLU A 177 -74.55 -15.51 11.46
C GLU A 177 -75.25 -14.17 11.36
N ASP A 178 -74.48 -13.08 11.30
CA ASP A 178 -75.05 -11.74 11.23
C ASP A 178 -75.90 -11.55 9.97
N ALA A 179 -75.48 -12.15 8.85
CA ALA A 179 -76.15 -11.95 7.58
C ALA A 179 -77.64 -12.32 7.65
N GLU A 180 -77.98 -13.32 8.45
CA GLU A 180 -79.39 -13.69 8.62
C GLU A 180 -80.21 -12.52 9.14
N HIS A 181 -79.71 -11.85 10.18
CA HIS A 181 -80.46 -10.74 10.77
C HIS A 181 -80.57 -9.55 9.84
N PHE A 182 -79.61 -9.35 8.93
CA PHE A 182 -79.68 -8.25 7.97
C PHE A 182 -80.51 -8.61 6.74
N GLY A 183 -81.16 -9.78 6.73
CA GLY A 183 -82.11 -10.15 5.70
C GLY A 183 -81.68 -11.21 4.70
N TRP A 184 -80.49 -11.81 4.84
CA TRP A 184 -80.06 -12.82 3.87
C TRP A 184 -80.61 -14.20 4.23
N SER A 185 -80.85 -15.03 3.21
CA SER A 185 -81.64 -16.26 3.34
C SER A 185 -80.87 -17.49 3.86
N LEU A 186 -79.58 -17.41 4.11
CA LEU A 186 -78.83 -18.61 4.50
C LEU A 186 -79.19 -19.09 5.91
N ASP A 187 -78.82 -20.34 6.19
CA ASP A 187 -79.00 -20.97 7.50
C ASP A 187 -77.62 -21.36 8.03
N ARG A 188 -77.11 -20.57 8.98
CA ARG A 188 -75.73 -20.74 9.47
C ARG A 188 -75.51 -22.14 10.05
N SER A 189 -76.53 -22.73 10.67
CA SER A 189 -76.34 -24.04 11.29
C SER A 189 -76.12 -25.16 10.28
N LYS A 190 -76.38 -24.93 8.99
CA LYS A 190 -76.18 -25.94 7.96
C LYS A 190 -74.82 -25.84 7.28
N ILE A 191 -73.98 -24.90 7.67
CA ILE A 191 -72.72 -24.63 6.98
C ILE A 191 -71.56 -25.11 7.84
N SER A 192 -70.58 -25.73 7.20
CA SER A 192 -69.40 -26.27 7.89
C SER A 192 -68.13 -25.76 7.22
N HIS A 193 -66.99 -26.00 7.89
CA HIS A 193 -65.69 -25.49 7.43
C HIS A 193 -64.77 -26.65 7.03
N ASN A 194 -64.00 -26.45 5.96
CA ASN A 194 -63.04 -27.44 5.44
C ASN A 194 -61.63 -26.90 5.67
N TRP A 195 -60.92 -27.50 6.64
CA TRP A 195 -59.58 -27.04 7.02
C TRP A 195 -58.61 -27.08 5.84
N SER A 196 -58.56 -28.20 5.12
CA SER A 196 -57.57 -28.32 4.05
C SER A 196 -57.82 -27.31 2.93
N THR A 197 -59.08 -27.01 2.60
CA THR A 197 -59.33 -25.98 1.60
C THR A 197 -58.77 -24.62 2.04
N MET A 198 -58.93 -24.27 3.31
CA MET A 198 -58.37 -23.02 3.82
C MET A 198 -56.85 -23.03 3.76
N VAL A 199 -56.22 -24.11 4.24
CA VAL A 199 -54.76 -24.21 4.24
C VAL A 199 -54.21 -24.08 2.82
N GLU A 200 -54.87 -24.73 1.85
CA GLU A 200 -54.39 -24.64 0.47
C GLU A 200 -54.38 -23.20 -0.02
N GLY A 201 -55.40 -22.42 0.32
CA GLY A 201 -55.43 -21.03 -0.13
C GLY A 201 -54.41 -20.17 0.58
N VAL A 202 -54.22 -20.40 1.88
CA VAL A 202 -53.19 -19.68 2.63
C VAL A 202 -51.80 -19.97 2.04
N GLN A 203 -51.51 -21.24 1.79
CA GLN A 203 -50.17 -21.61 1.33
C GLN A 203 -49.92 -21.12 -0.10
N SER A 204 -50.97 -21.02 -0.91
CA SER A 204 -50.78 -20.47 -2.24
C SER A 204 -50.38 -19.00 -2.18
N HIS A 205 -50.95 -18.24 -1.23
CA HIS A 205 -50.52 -16.86 -1.04
C HIS A 205 -49.09 -16.80 -0.51
N ILE A 206 -48.74 -17.63 0.49
CA ILE A 206 -47.36 -17.63 0.99
C ILE A 206 -46.37 -17.96 -0.12
N GLY A 207 -46.71 -18.92 -1.00
CA GLY A 207 -45.82 -19.24 -2.11
C GLY A 207 -45.61 -18.06 -3.06
N SER A 208 -46.65 -17.25 -3.28
CA SER A 208 -46.47 -16.05 -4.09
C SER A 208 -45.52 -15.06 -3.43
N LEU A 209 -45.51 -15.01 -2.10
CA LEU A 209 -44.56 -14.14 -1.40
C LEU A 209 -43.13 -14.68 -1.48
N ASN A 210 -42.93 -16.00 -1.28
CA ASN A 210 -41.59 -16.58 -1.42
C ASN A 210 -41.01 -16.24 -2.79
N TRP A 211 -41.81 -16.45 -3.83
CA TRP A 211 -41.36 -16.16 -5.20
C TRP A 211 -41.06 -14.68 -5.39
N GLY A 212 -41.97 -13.83 -4.91
CA GLY A 212 -41.77 -12.39 -5.05
C GLY A 212 -40.49 -11.87 -4.42
N TYR A 213 -40.09 -12.45 -3.27
CA TYR A 213 -38.82 -12.02 -2.67
C TYR A 213 -37.61 -12.46 -3.50
N LYS A 214 -37.63 -13.68 -4.06
CA LYS A 214 -36.51 -14.08 -4.91
C LYS A 214 -36.43 -13.21 -6.16
N VAL A 215 -37.58 -12.84 -6.71
CA VAL A 215 -37.59 -11.93 -7.87
C VAL A 215 -37.02 -10.58 -7.50
N ALA A 216 -37.39 -10.06 -6.31
CA ALA A 216 -36.91 -8.74 -5.89
C ALA A 216 -35.39 -8.73 -5.70
N LEU A 217 -34.82 -9.78 -5.11
CA LEU A 217 -33.38 -9.79 -4.90
C LEU A 217 -32.65 -9.90 -6.23
N ARG A 218 -33.15 -10.74 -7.15
CA ARG A 218 -32.56 -10.79 -8.50
C ARG A 218 -32.58 -9.42 -9.17
N ASP A 219 -33.72 -8.71 -9.09
CA ASP A 219 -33.83 -7.41 -9.78
C ASP A 219 -33.04 -6.28 -9.12
N ASN A 220 -32.56 -6.45 -7.89
CA ASN A 220 -31.66 -5.50 -7.24
C ASN A 220 -30.19 -5.95 -7.27
N GLN A 221 -29.88 -7.00 -8.02
CA GLN A 221 -28.52 -7.54 -8.11
C GLN A 221 -27.96 -7.98 -6.75
N VAL A 222 -28.81 -8.50 -5.87
CA VAL A 222 -28.40 -9.10 -4.60
C VAL A 222 -28.17 -10.59 -4.82
N THR A 223 -27.06 -11.11 -4.29
CA THR A 223 -26.77 -12.54 -4.32
C THR A 223 -27.52 -13.26 -3.21
N TYR A 224 -28.45 -14.15 -3.58
CA TYR A 224 -29.18 -14.94 -2.59
C TYR A 224 -28.55 -16.32 -2.47
N LEU A 225 -28.09 -16.65 -1.26
CA LEU A 225 -27.52 -17.95 -0.95
C LEU A 225 -28.44 -18.67 0.03
N ASN A 226 -29.03 -19.79 -0.41
CA ASN A 226 -29.83 -20.66 0.46
C ASN A 226 -28.88 -21.57 1.24
N ALA A 227 -28.28 -21.00 2.29
CA ALA A 227 -27.22 -21.64 3.04
C ALA A 227 -27.19 -21.10 4.46
N LYS A 228 -26.66 -21.91 5.38
CA LYS A 228 -26.52 -21.51 6.78
C LYS A 228 -25.19 -20.80 6.98
N GLY A 229 -25.24 -19.65 7.65
CA GLY A 229 -24.06 -18.82 7.87
C GLY A 229 -23.62 -18.81 9.33
N ARG A 230 -22.30 -18.69 9.53
CA ARG A 230 -21.71 -18.61 10.86
C ARG A 230 -20.59 -17.58 10.80
N LEU A 231 -20.63 -16.57 11.66
CA LEU A 231 -19.59 -15.55 11.70
C LEU A 231 -18.41 -16.07 12.51
N ILE A 232 -17.25 -16.24 11.88
CA ILE A 232 -16.11 -16.88 12.52
C ILE A 232 -14.98 -15.89 12.84
N SER A 233 -14.98 -14.70 12.25
CA SER A 233 -14.18 -13.56 12.64
C SER A 233 -14.94 -12.32 12.18
N PRO A 234 -14.46 -11.11 12.52
CA PRO A 234 -15.26 -9.92 12.18
C PRO A 234 -15.65 -9.78 10.71
N HIS A 235 -14.83 -10.25 9.76
CA HIS A 235 -15.13 -10.10 8.33
C HIS A 235 -15.35 -11.43 7.59
N GLU A 236 -15.34 -12.57 8.27
CA GLU A 236 -15.41 -13.87 7.61
C GLU A 236 -16.68 -14.61 7.99
N VAL A 237 -17.43 -15.07 6.98
CA VAL A 237 -18.66 -15.84 7.19
C VAL A 237 -18.48 -17.22 6.59
N GLN A 238 -18.54 -18.24 7.45
CA GLN A 238 -18.54 -19.64 7.02
C GLN A 238 -19.95 -20.03 6.56
N ILE A 239 -20.07 -20.58 5.35
CA ILE A 239 -21.36 -20.98 4.83
C ILE A 239 -21.38 -22.48 4.60
N THR A 240 -22.56 -23.08 4.80
CA THR A 240 -22.79 -24.50 4.55
C THR A 240 -24.04 -24.61 3.70
N ASP A 241 -23.92 -25.27 2.53
CA ASP A 241 -25.00 -25.30 1.56
C ASP A 241 -25.82 -26.60 1.66
N LYS A 242 -26.79 -26.75 0.76
CA LYS A 242 -27.71 -27.87 0.84
C LYS A 242 -27.10 -29.21 0.45
N ASN A 243 -25.81 -29.22 0.10
CA ASN A 243 -25.04 -30.45 -0.10
C ASN A 243 -23.94 -30.61 0.95
N GLN A 244 -24.03 -29.82 2.04
CA GLN A 244 -23.05 -29.81 3.14
C GLN A 244 -21.66 -29.39 2.68
N LYS A 245 -21.57 -28.70 1.54
CA LYS A 245 -20.31 -28.13 1.10
C LYS A 245 -20.04 -26.85 1.91
N VAL A 246 -18.85 -26.77 2.51
CA VAL A 246 -18.50 -25.69 3.42
C VAL A 246 -17.47 -24.79 2.74
N SER A 247 -17.64 -23.48 2.89
CA SER A 247 -16.72 -22.51 2.32
C SER A 247 -16.82 -21.20 3.11
N THR A 248 -15.98 -20.22 2.75
CA THR A 248 -15.87 -18.96 3.47
C THR A 248 -15.99 -17.79 2.51
N ILE A 249 -16.83 -16.81 2.85
CA ILE A 249 -16.94 -15.53 2.14
C ILE A 249 -16.62 -14.40 3.11
N THR A 250 -16.15 -13.28 2.56
CA THR A 250 -15.75 -12.12 3.36
C THR A 250 -16.59 -10.89 3.01
N GLY A 251 -16.83 -10.05 4.01
CA GLY A 251 -17.60 -8.83 3.80
C GLY A 251 -17.09 -7.71 4.68
N ASN A 252 -17.28 -6.48 4.19
CA ASN A 252 -16.90 -5.29 4.97
C ASN A 252 -17.81 -5.11 6.18
N LYS A 253 -19.11 -4.89 5.94
CA LYS A 253 -20.10 -4.76 7.01
C LYS A 253 -20.91 -6.07 7.10
N ILE A 254 -21.27 -6.45 8.34
CA ILE A 254 -22.08 -7.64 8.60
C ILE A 254 -23.34 -7.21 9.34
N ILE A 255 -24.51 -7.68 8.88
CA ILE A 255 -25.76 -7.51 9.63
C ILE A 255 -26.27 -8.89 10.05
N LEU A 256 -26.44 -9.08 11.37
CA LEU A 256 -27.04 -10.29 11.92
C LEU A 256 -28.56 -10.07 12.02
N ALA A 257 -29.32 -10.97 11.43
CA ALA A 257 -30.79 -10.82 11.35
C ALA A 257 -31.48 -12.18 11.34
N THR A 258 -31.07 -13.07 12.25
CA THR A 258 -31.46 -14.49 12.23
C THR A 258 -32.73 -14.83 13.03
N GLY A 259 -33.34 -13.88 13.74
CA GLY A 259 -34.63 -14.18 14.41
C GLY A 259 -34.60 -15.27 15.50
N GLU A 260 -35.78 -15.82 15.77
CA GLU A 260 -35.99 -16.76 16.88
C GLU A 260 -36.79 -17.97 16.39
N ARG A 261 -36.89 -19.00 17.23
CA ARG A 261 -37.74 -20.16 16.99
C ARG A 261 -38.47 -20.56 18.26
N PRO A 262 -39.55 -21.36 18.16
CA PRO A 262 -40.34 -21.69 19.36
C PRO A 262 -39.57 -22.55 20.36
N LYS A 263 -39.87 -22.34 21.64
CA LYS A 263 -39.40 -23.17 22.75
C LYS A 263 -40.33 -24.37 22.99
N TYR A 264 -39.76 -25.46 23.54
CA TYR A 264 -40.51 -26.58 24.06
C TYR A 264 -40.25 -26.72 25.56
N PRO A 265 -41.23 -27.15 26.35
CA PRO A 265 -40.94 -27.46 27.76
C PRO A 265 -40.16 -28.76 27.88
N GLU A 266 -39.39 -28.87 28.97
CA GLU A 266 -38.58 -30.06 29.20
C GLU A 266 -39.40 -31.10 29.96
N ILE A 267 -40.36 -31.70 29.25
CA ILE A 267 -41.17 -32.80 29.80
C ILE A 267 -41.18 -33.96 28.81
N PRO A 268 -41.37 -35.20 29.29
CA PRO A 268 -41.44 -36.35 28.36
C PRO A 268 -42.57 -36.22 27.35
N GLY A 269 -42.27 -36.54 26.08
CA GLY A 269 -43.29 -36.55 25.05
C GLY A 269 -43.54 -35.23 24.33
N ALA A 270 -42.97 -34.12 24.80
CA ALA A 270 -43.30 -32.81 24.20
C ALA A 270 -42.79 -32.70 22.76
N VAL A 271 -41.50 -32.97 22.56
CA VAL A 271 -40.91 -32.88 21.22
C VAL A 271 -41.45 -33.98 20.31
N GLU A 272 -41.64 -35.18 20.86
CA GLU A 272 -42.07 -36.32 20.06
C GLU A 272 -43.52 -36.19 19.58
N TYR A 273 -44.43 -35.70 20.43
CA TYR A 273 -45.85 -35.83 20.12
C TYR A 273 -46.62 -34.52 19.99
N GLY A 274 -46.07 -33.41 20.47
CA GLY A 274 -46.69 -32.10 20.30
C GLY A 274 -46.17 -31.38 19.06
N ILE A 275 -46.74 -30.19 18.80
CA ILE A 275 -46.33 -29.31 17.69
C ILE A 275 -46.24 -27.87 18.20
N THR A 276 -45.75 -26.98 17.33
CA THR A 276 -45.77 -25.53 17.59
C THR A 276 -46.44 -24.78 16.45
N SER A 277 -46.48 -23.45 16.56
CA SER A 277 -47.02 -22.64 15.48
C SER A 277 -46.26 -22.85 14.18
N ASP A 278 -44.98 -23.25 14.24
CA ASP A 278 -44.23 -23.52 13.01
C ASP A 278 -44.89 -24.62 12.17
N ASP A 279 -45.54 -25.58 12.83
CA ASP A 279 -46.19 -26.69 12.13
C ASP A 279 -47.64 -26.39 11.78
N LEU A 280 -48.30 -25.52 12.55
CA LEU A 280 -49.75 -25.39 12.46
C LEU A 280 -50.21 -24.86 11.10
N PHE A 281 -49.51 -23.88 10.54
CA PHE A 281 -50.05 -23.16 9.39
C PHE A 281 -49.97 -23.94 8.07
N SER A 282 -49.27 -25.09 8.02
CA SER A 282 -49.29 -25.94 6.83
C SER A 282 -49.80 -27.34 7.15
N LEU A 283 -50.46 -27.52 8.29
CA LEU A 283 -50.79 -28.87 8.75
C LEU A 283 -51.79 -29.50 7.77
N PRO A 284 -51.53 -30.73 7.30
CA PRO A 284 -52.42 -31.31 6.27
C PRO A 284 -53.79 -31.80 6.75
N TYR A 285 -54.00 -31.99 8.06
CA TYR A 285 -55.28 -32.39 8.65
C TYR A 285 -55.72 -31.38 9.69
N PHE A 286 -57.04 -31.29 9.91
CA PHE A 286 -57.56 -30.43 10.97
C PHE A 286 -57.05 -30.95 12.31
N PRO A 287 -56.56 -30.08 13.20
CA PRO A 287 -56.04 -30.55 14.50
C PRO A 287 -57.03 -31.37 15.32
N GLY A 288 -58.34 -31.20 15.14
CA GLY A 288 -59.32 -31.86 15.99
C GLY A 288 -59.36 -31.26 17.39
N LYS A 289 -59.73 -32.09 18.38
CA LYS A 289 -59.73 -31.62 19.77
C LYS A 289 -58.30 -31.26 20.21
N THR A 290 -58.11 -29.98 20.59
CA THR A 290 -56.80 -29.36 20.73
C THR A 290 -56.58 -28.76 22.12
N LEU A 291 -55.40 -29.00 22.68
CA LEU A 291 -54.89 -28.31 23.87
C LEU A 291 -53.80 -27.33 23.44
N VAL A 292 -53.94 -26.06 23.83
CA VAL A 292 -52.89 -25.06 23.65
C VAL A 292 -52.25 -24.82 25.02
N ILE A 293 -50.95 -25.08 25.13
CA ILE A 293 -50.22 -24.85 26.38
C ILE A 293 -49.48 -23.51 26.27
N GLY A 294 -49.83 -22.56 27.13
CA GLY A 294 -49.26 -21.22 27.09
C GLY A 294 -50.36 -20.16 27.07
N ALA A 295 -49.91 -18.91 27.20
CA ALA A 295 -50.87 -17.81 27.33
C ALA A 295 -50.38 -16.52 26.66
N SER A 296 -49.40 -16.62 25.76
CA SER A 296 -48.91 -15.50 24.98
C SER A 296 -49.94 -15.06 23.95
N TYR A 297 -49.66 -13.96 23.24
CA TYR A 297 -50.56 -13.61 22.15
C TYR A 297 -50.60 -14.71 21.08
N VAL A 298 -49.50 -15.44 20.86
CA VAL A 298 -49.55 -16.54 19.89
C VAL A 298 -50.51 -17.62 20.37
N ALA A 299 -50.42 -18.00 21.65
CA ALA A 299 -51.34 -18.99 22.20
C ALA A 299 -52.81 -18.58 22.03
N LEU A 300 -53.14 -17.34 22.39
CA LEU A 300 -54.55 -16.96 22.39
C LEU A 300 -55.07 -16.74 20.97
N GLU A 301 -54.23 -16.20 20.06
CA GLU A 301 -54.68 -16.02 18.68
C GLU A 301 -55.00 -17.36 18.02
N CYS A 302 -54.14 -18.36 18.24
CA CYS A 302 -54.36 -19.67 17.64
C CYS A 302 -55.55 -20.38 18.26
N ALA A 303 -55.68 -20.34 19.60
CA ALA A 303 -56.86 -20.94 20.22
C ALA A 303 -58.13 -20.29 19.72
N GLY A 304 -58.11 -18.97 19.54
CA GLY A 304 -59.31 -18.26 19.12
C GLY A 304 -59.80 -18.65 17.72
N PHE A 305 -58.92 -18.66 16.71
CA PHE A 305 -59.44 -19.01 15.38
C PHE A 305 -59.79 -20.50 15.30
N LEU A 306 -59.06 -21.37 15.99
CA LEU A 306 -59.43 -22.78 15.97
C LEU A 306 -60.84 -23.00 16.53
N ALA A 307 -61.21 -22.27 17.60
CA ALA A 307 -62.57 -22.38 18.13
C ALA A 307 -63.62 -21.84 17.15
N SER A 308 -63.32 -20.71 16.49
CA SER A 308 -64.27 -20.16 15.51
C SER A 308 -64.44 -21.08 14.30
N LEU A 309 -63.45 -21.90 13.98
CA LEU A 309 -63.59 -22.82 12.86
C LEU A 309 -64.24 -24.15 13.27
N GLY A 310 -64.81 -24.20 14.47
CA GLY A 310 -65.56 -25.35 14.91
C GLY A 310 -64.84 -26.30 15.85
N GLY A 311 -63.61 -25.97 16.28
CA GLY A 311 -62.83 -26.88 17.09
C GLY A 311 -63.19 -26.85 18.58
N ASP A 312 -62.87 -27.97 19.24
CA ASP A 312 -62.98 -28.15 20.69
C ASP A 312 -61.62 -27.81 21.28
N VAL A 313 -61.48 -26.61 21.87
CA VAL A 313 -60.18 -26.04 22.22
C VAL A 313 -60.10 -25.75 23.72
N THR A 314 -59.01 -26.15 24.35
CA THR A 314 -58.65 -25.81 25.72
C THR A 314 -57.28 -25.11 25.75
N VAL A 315 -57.13 -24.11 26.63
CA VAL A 315 -55.87 -23.37 26.83
C VAL A 315 -55.44 -23.60 28.27
N MET A 316 -54.22 -24.09 28.48
CA MET A 316 -53.77 -24.32 29.86
C MET A 316 -52.76 -23.21 30.24
N VAL A 317 -53.12 -22.46 31.28
CA VAL A 317 -52.49 -21.19 31.68
C VAL A 317 -51.69 -21.40 32.97
N ARG A 318 -50.37 -21.19 32.91
CA ARG A 318 -49.52 -21.33 34.10
C ARG A 318 -49.90 -20.33 35.19
N SER A 319 -50.00 -19.04 34.84
CA SER A 319 -50.31 -18.00 35.81
C SER A 319 -51.35 -17.02 35.26
N ILE A 320 -50.95 -16.09 34.39
CA ILE A 320 -51.83 -15.04 33.86
C ILE A 320 -51.83 -15.05 32.32
N LEU A 321 -52.82 -14.36 31.73
CA LEU A 321 -52.90 -14.17 30.28
C LEU A 321 -52.09 -12.94 29.86
N LEU A 322 -51.41 -13.04 28.71
CA LEU A 322 -50.76 -11.87 28.09
C LEU A 322 -49.86 -11.10 29.08
N ARG A 323 -48.97 -11.82 29.77
CA ARG A 323 -48.01 -11.15 30.66
C ARG A 323 -47.26 -10.04 29.92
N GLY A 324 -47.20 -8.85 30.53
CA GLY A 324 -46.53 -7.70 29.96
C GLY A 324 -47.46 -6.72 29.27
N PHE A 325 -48.67 -7.14 28.94
CA PHE A 325 -49.76 -6.26 28.49
C PHE A 325 -50.61 -5.83 29.68
N ASP A 326 -51.33 -4.71 29.52
CA ASP A 326 -52.31 -4.24 30.49
C ASP A 326 -53.26 -5.36 30.92
N GLN A 327 -53.29 -5.65 32.23
CA GLN A 327 -54.00 -6.84 32.71
C GLN A 327 -55.52 -6.68 32.79
N GLN A 328 -56.04 -5.46 32.92
CA GLN A 328 -57.48 -5.28 32.77
C GLN A 328 -57.93 -5.67 31.36
N MET A 329 -57.23 -5.16 30.33
CA MET A 329 -57.53 -5.57 28.96
C MET A 329 -57.31 -7.06 28.74
N ALA A 330 -56.24 -7.63 29.27
CA ALA A 330 -56.00 -9.06 29.07
C ALA A 330 -57.16 -9.90 29.60
N GLU A 331 -57.71 -9.52 30.76
CA GLU A 331 -58.80 -10.27 31.36
C GLU A 331 -60.09 -10.14 30.53
N LYS A 332 -60.36 -8.95 29.97
CA LYS A 332 -61.51 -8.80 29.08
C LYS A 332 -61.38 -9.64 27.81
N VAL A 333 -60.16 -9.73 27.26
CA VAL A 333 -59.91 -10.56 26.08
C VAL A 333 -60.23 -12.01 26.40
N GLY A 334 -59.74 -12.49 27.55
CA GLY A 334 -59.97 -13.88 27.93
C GLY A 334 -61.42 -14.18 28.25
N ASP A 335 -62.10 -13.23 28.91
CA ASP A 335 -63.51 -13.42 29.23
C ASP A 335 -64.36 -13.58 27.97
N TYR A 336 -64.06 -12.78 26.93
CA TYR A 336 -64.79 -12.90 25.68
C TYR A 336 -64.58 -14.28 25.05
N MET A 337 -63.32 -14.75 25.00
CA MET A 337 -63.08 -16.09 24.44
C MET A 337 -63.79 -17.18 25.22
N GLU A 338 -63.80 -17.09 26.56
CA GLU A 338 -64.48 -18.12 27.35
C GLU A 338 -65.98 -18.10 27.12
N ASN A 339 -66.55 -16.91 26.91
CA ASN A 339 -67.98 -16.83 26.62
C ASN A 339 -68.32 -17.34 25.22
N HIS A 340 -67.35 -17.40 24.31
CA HIS A 340 -67.61 -17.88 22.96
C HIS A 340 -66.93 -19.22 22.68
N GLY A 341 -66.79 -20.06 23.71
CA GLY A 341 -66.47 -21.46 23.53
C GLY A 341 -65.04 -21.93 23.73
N VAL A 342 -64.11 -21.07 24.15
CA VAL A 342 -62.77 -21.53 24.52
C VAL A 342 -62.76 -21.92 25.99
N LYS A 343 -62.24 -23.12 26.30
CA LYS A 343 -62.12 -23.57 27.69
C LYS A 343 -60.72 -23.26 28.22
N PHE A 344 -60.66 -22.94 29.52
CA PHE A 344 -59.41 -22.54 30.15
C PHE A 344 -59.12 -23.43 31.36
N ALA A 345 -57.90 -23.98 31.42
CA ALA A 345 -57.40 -24.69 32.61
C ALA A 345 -56.39 -23.76 33.29
N LYS A 346 -56.84 -23.10 34.34
CA LYS A 346 -56.13 -21.99 34.96
C LYS A 346 -55.25 -22.47 36.11
N LEU A 347 -54.10 -21.81 36.29
CA LEU A 347 -53.11 -22.13 37.32
C LEU A 347 -52.60 -23.58 37.19
N CYS A 348 -52.21 -23.96 35.96
CA CYS A 348 -51.99 -25.37 35.66
C CYS A 348 -50.79 -25.51 34.73
N VAL A 349 -50.00 -26.59 34.88
CA VAL A 349 -48.85 -26.84 33.99
C VAL A 349 -48.81 -28.32 33.62
N PRO A 350 -48.21 -28.64 32.46
CA PRO A 350 -48.13 -30.04 32.01
C PRO A 350 -46.92 -30.78 32.56
N ASP A 351 -47.12 -32.08 32.86
CA ASP A 351 -46.04 -32.95 33.32
C ASP A 351 -45.54 -33.96 32.30
N GLU A 352 -46.39 -34.45 31.40
N GLU A 352 -46.39 -34.45 31.40
CA GLU A 352 -45.96 -35.39 30.37
CA GLU A 352 -45.96 -35.39 30.37
C GLU A 352 -47.05 -35.60 29.34
C GLU A 352 -47.05 -35.60 29.34
N ILE A 353 -46.63 -35.96 28.13
CA ILE A 353 -47.53 -36.28 27.02
C ILE A 353 -47.28 -37.75 26.66
N LYS A 354 -48.34 -38.56 26.66
CA LYS A 354 -48.25 -39.96 26.25
C LYS A 354 -49.00 -40.20 24.95
N GLN A 355 -48.45 -41.06 24.09
CA GLN A 355 -49.06 -41.33 22.79
C GLN A 355 -50.01 -42.51 22.88
N LEU A 356 -51.26 -42.30 22.45
CA LEU A 356 -52.28 -43.34 22.36
C LEU A 356 -52.51 -43.82 20.93
N LYS A 357 -52.35 -42.93 19.95
CA LYS A 357 -52.41 -43.29 18.52
C LYS A 357 -51.41 -42.45 17.75
N VAL A 358 -50.73 -43.08 16.77
CA VAL A 358 -49.83 -42.39 15.84
C VAL A 358 -50.64 -41.62 14.81
N VAL A 359 -50.07 -40.50 14.33
CA VAL A 359 -50.71 -39.72 13.28
C VAL A 359 -50.95 -40.61 12.05
N ASP A 360 -52.15 -40.50 11.48
CA ASP A 360 -52.60 -41.33 10.36
C ASP A 360 -52.32 -40.56 9.08
N THR A 361 -51.12 -40.74 8.53
CA THR A 361 -50.73 -40.02 7.33
C THR A 361 -51.53 -40.46 6.12
N GLU A 362 -51.96 -41.72 6.06
CA GLU A 362 -52.74 -42.22 4.94
C GLU A 362 -54.10 -41.53 4.88
N ASN A 363 -54.94 -41.76 5.88
CA ASN A 363 -56.29 -41.21 5.90
C ASN A 363 -56.34 -39.76 6.36
N ASN A 364 -55.19 -39.11 6.55
CA ASN A 364 -55.13 -37.68 6.83
C ASN A 364 -55.89 -37.31 8.11
N LYS A 365 -55.44 -37.88 9.22
CA LYS A 365 -56.09 -37.73 10.52
C LYS A 365 -55.00 -37.55 11.57
N PRO A 366 -55.27 -36.74 12.61
CA PRO A 366 -54.32 -36.65 13.73
C PRO A 366 -54.25 -37.96 14.50
N GLY A 367 -53.30 -38.02 15.44
CA GLY A 367 -53.23 -39.10 16.42
C GLY A 367 -54.14 -38.86 17.61
N LEU A 368 -53.71 -39.38 18.76
CA LEU A 368 -54.44 -39.24 20.03
C LEU A 368 -53.43 -39.31 21.17
N LEU A 369 -53.58 -38.40 22.15
CA LEU A 369 -52.56 -38.17 23.16
C LEU A 369 -53.22 -38.10 24.53
N LEU A 370 -52.50 -38.54 25.56
CA LEU A 370 -52.94 -38.35 26.95
C LEU A 370 -52.04 -37.31 27.62
N VAL A 371 -52.64 -36.24 28.15
CA VAL A 371 -51.89 -35.17 28.80
C VAL A 371 -52.12 -35.25 30.29
N LYS A 372 -51.04 -35.34 31.05
CA LYS A 372 -51.07 -35.32 32.52
C LYS A 372 -50.38 -34.05 33.01
N GLY A 373 -50.99 -33.37 33.99
CA GLY A 373 -50.38 -32.16 34.54
C GLY A 373 -50.82 -31.91 35.99
N HIS A 374 -50.60 -30.72 36.54
CA HIS A 374 -51.12 -30.43 37.88
C HIS A 374 -51.38 -28.93 38.08
N TYR A 375 -52.33 -28.64 38.99
CA TYR A 375 -52.68 -27.27 39.38
C TYR A 375 -51.78 -26.81 40.54
N THR A 376 -51.78 -25.50 40.82
CA THR A 376 -50.80 -25.00 41.78
C THR A 376 -51.07 -25.51 43.19
N ASP A 377 -52.29 -25.94 43.49
CA ASP A 377 -52.57 -26.51 44.80
C ASP A 377 -52.24 -27.99 44.90
N GLY A 378 -51.77 -28.58 43.80
CA GLY A 378 -51.37 -29.98 43.77
C GLY A 378 -52.41 -30.92 43.19
N LYS A 379 -53.63 -30.46 42.93
CA LYS A 379 -54.63 -31.34 42.33
C LYS A 379 -54.19 -31.71 40.89
N LYS A 380 -54.67 -32.86 40.41
CA LYS A 380 -54.20 -33.43 39.14
C LYS A 380 -55.06 -33.01 37.94
N PHE A 381 -54.39 -32.88 36.78
CA PHE A 381 -55.01 -32.71 35.47
C PHE A 381 -54.71 -33.96 34.64
N GLU A 382 -55.75 -34.53 34.00
CA GLU A 382 -55.56 -35.65 33.07
C GLU A 382 -56.70 -35.68 32.04
N GLU A 383 -56.36 -35.56 30.75
CA GLU A 383 -57.36 -35.45 29.67
C GLU A 383 -56.72 -35.85 28.35
N GLU A 384 -57.55 -36.37 27.42
CA GLU A 384 -57.13 -36.79 26.08
C GLU A 384 -57.36 -35.67 25.05
N PHE A 385 -56.42 -35.51 24.10
CA PHE A 385 -56.52 -34.54 23.01
C PHE A 385 -55.96 -35.16 21.72
N GLU A 386 -56.44 -34.67 20.57
CA GLU A 386 -55.86 -35.12 19.30
C GLU A 386 -54.57 -34.37 18.95
N THR A 387 -54.49 -33.08 19.31
CA THR A 387 -53.35 -32.23 19.02
C THR A 387 -53.00 -31.42 20.27
N VAL A 388 -51.70 -31.29 20.54
CA VAL A 388 -51.16 -30.46 21.62
C VAL A 388 -50.19 -29.45 21.00
N ILE A 389 -50.51 -28.16 21.13
CA ILE A 389 -49.70 -27.06 20.59
C ILE A 389 -49.02 -26.33 21.74
N PHE A 390 -47.68 -26.27 21.72
CA PHE A 390 -46.92 -25.50 22.70
C PHE A 390 -46.68 -24.09 22.18
N ALA A 391 -47.09 -23.09 22.99
CA ALA A 391 -46.80 -21.67 22.75
C ALA A 391 -46.23 -21.07 24.05
N VAL A 392 -45.00 -21.46 24.39
CA VAL A 392 -44.41 -21.11 25.69
C VAL A 392 -43.18 -20.22 25.50
N GLY A 393 -43.17 -19.42 24.44
CA GLY A 393 -42.13 -18.44 24.19
C GLY A 393 -41.24 -18.85 23.03
N ARG A 394 -40.35 -17.93 22.67
CA ARG A 394 -39.44 -18.06 21.53
C ARG A 394 -38.04 -17.61 21.95
N GLU A 395 -37.02 -18.13 21.26
CA GLU A 395 -35.64 -17.88 21.69
C GLU A 395 -34.70 -17.88 20.48
N PRO A 396 -33.62 -17.09 20.51
CA PRO A 396 -32.61 -17.19 19.47
C PRO A 396 -31.65 -18.31 19.84
N GLN A 397 -30.80 -18.65 18.92
CA GLN A 397 -29.76 -19.60 19.30
C GLN A 397 -28.50 -19.14 18.60
N LEU A 398 -27.92 -18.05 19.13
CA LEU A 398 -26.80 -17.42 18.47
C LEU A 398 -25.52 -18.22 18.60
N SER A 399 -25.46 -19.20 19.52
CA SER A 399 -24.33 -20.11 19.55
C SER A 399 -24.05 -20.74 18.18
N LYS A 400 -25.11 -21.00 17.43
CA LYS A 400 -24.97 -21.59 16.09
C LYS A 400 -24.58 -20.56 15.04
N VAL A 401 -24.90 -19.29 15.27
CA VAL A 401 -24.67 -18.25 14.27
C VAL A 401 -23.33 -17.56 14.45
N LEU A 402 -22.75 -17.62 15.65
CA LEU A 402 -21.77 -16.64 16.08
C LEU A 402 -20.72 -17.31 16.97
N CYS A 403 -19.48 -17.43 16.47
CA CYS A 403 -18.39 -17.92 17.31
C CYS A 403 -18.11 -16.95 18.45
N GLU A 404 -17.93 -17.50 19.66
CA GLU A 404 -17.68 -16.65 20.82
C GLU A 404 -16.38 -15.85 20.74
N THR A 405 -15.40 -16.29 19.95
CA THR A 405 -14.14 -15.56 19.81
C THR A 405 -14.25 -14.31 18.95
N VAL A 406 -15.36 -14.09 18.24
CA VAL A 406 -15.49 -12.85 17.50
C VAL A 406 -15.59 -11.66 18.44
N GLY A 407 -16.15 -11.85 19.63
CA GLY A 407 -16.25 -10.76 20.58
C GLY A 407 -17.54 -9.97 20.57
N VAL A 408 -18.62 -10.53 20.02
CA VAL A 408 -19.94 -9.89 20.03
C VAL A 408 -20.63 -10.22 21.35
N LYS A 409 -20.96 -9.19 22.12
CA LYS A 409 -21.47 -9.40 23.47
C LYS A 409 -22.97 -9.70 23.44
N LEU A 410 -23.38 -10.72 24.20
CA LEU A 410 -24.76 -11.10 24.39
C LEU A 410 -25.22 -10.82 25.81
N ASP A 411 -26.54 -10.66 25.97
CA ASP A 411 -27.11 -10.50 27.30
C ASP A 411 -27.48 -11.86 27.91
N LYS A 412 -28.13 -11.83 29.08
CA LYS A 412 -28.42 -13.03 29.85
C LYS A 412 -29.41 -13.95 29.13
N ASN A 413 -30.22 -13.41 28.23
CA ASN A 413 -31.17 -14.18 27.44
C ASN A 413 -30.62 -14.60 26.09
N GLY A 414 -29.37 -14.25 25.80
CA GLY A 414 -28.76 -14.65 24.54
C GLY A 414 -29.03 -13.72 23.38
N ARG A 415 -29.47 -12.49 23.62
CA ARG A 415 -29.70 -11.55 22.53
C ARG A 415 -28.53 -10.57 22.47
N VAL A 416 -28.39 -9.89 21.33
CA VAL A 416 -27.22 -9.03 21.05
C VAL A 416 -27.36 -7.66 21.69
N VAL A 417 -26.33 -7.24 22.43
CA VAL A 417 -26.33 -5.92 23.06
C VAL A 417 -25.84 -4.89 22.04
N CYS A 418 -26.71 -3.95 21.68
CA CYS A 418 -26.42 -2.97 20.62
C CYS A 418 -26.49 -1.54 21.13
N THR A 419 -25.75 -0.66 20.46
CA THR A 419 -25.92 0.78 20.62
C THR A 419 -27.20 1.23 19.91
N ASP A 420 -27.52 2.51 20.04
CA ASP A 420 -28.74 3.04 19.44
C ASP A 420 -28.66 3.20 17.92
N ASP A 421 -27.53 2.84 17.30
CA ASP A 421 -27.42 2.74 15.84
C ASP A 421 -27.25 1.29 15.38
N GLU A 422 -27.67 0.32 16.20
CA GLU A 422 -27.61 -1.12 15.97
C GLU A 422 -26.18 -1.70 15.96
N GLN A 423 -25.17 -0.96 16.40
CA GLN A 423 -23.80 -1.48 16.39
C GLN A 423 -23.55 -2.42 17.57
N THR A 424 -22.92 -3.58 17.31
CA THR A 424 -22.50 -4.51 18.34
C THR A 424 -21.17 -4.02 18.94
N THR A 425 -20.58 -4.83 19.84
CA THR A 425 -19.27 -4.50 20.40
C THR A 425 -18.13 -4.74 19.40
N VAL A 426 -18.42 -5.21 18.20
CA VAL A 426 -17.44 -5.33 17.12
C VAL A 426 -17.83 -4.31 16.06
N SER A 427 -16.88 -3.44 15.68
CA SER A 427 -17.22 -2.14 15.07
C SER A 427 -17.93 -2.27 13.71
N ASN A 428 -17.65 -3.33 12.95
CA ASN A 428 -18.25 -3.49 11.62
C ASN A 428 -19.47 -4.39 11.62
N VAL A 429 -19.90 -4.89 12.79
CA VAL A 429 -20.98 -5.88 12.90
C VAL A 429 -22.19 -5.23 13.56
N TYR A 430 -23.39 -5.42 12.98
CA TYR A 430 -24.64 -4.84 13.44
C TYR A 430 -25.67 -5.96 13.60
N ALA A 431 -26.73 -5.70 14.39
CA ALA A 431 -27.83 -6.66 14.59
C ALA A 431 -29.17 -5.93 14.55
N ILE A 432 -30.16 -6.56 13.91
CA ILE A 432 -31.50 -6.00 13.78
C ILE A 432 -32.56 -7.06 14.07
N GLY A 433 -33.78 -6.58 14.34
CA GLY A 433 -34.91 -7.51 14.48
C GLY A 433 -35.01 -8.13 15.87
N ASP A 434 -35.58 -9.35 15.91
CA ASP A 434 -35.89 -9.97 17.20
C ASP A 434 -34.65 -10.26 18.05
N ILE A 435 -33.47 -10.40 17.45
CA ILE A 435 -32.27 -10.69 18.25
C ILE A 435 -31.62 -9.46 18.87
N ASN A 436 -32.14 -8.26 18.59
CA ASN A 436 -31.59 -7.03 19.16
C ASN A 436 -32.17 -6.86 20.57
N ALA A 437 -31.32 -6.98 21.60
CA ALA A 437 -31.81 -6.99 22.98
C ALA A 437 -32.59 -5.72 23.32
N GLY A 438 -33.72 -5.91 24.03
CA GLY A 438 -34.50 -4.81 24.55
C GLY A 438 -35.49 -4.16 23.59
N LYS A 439 -35.53 -4.58 22.35
CA LYS A 439 -36.39 -3.90 21.37
C LYS A 439 -37.72 -4.64 21.20
N PRO A 440 -38.80 -3.94 20.83
CA PRO A 440 -40.06 -4.64 20.51
C PRO A 440 -39.88 -5.62 19.35
N GLN A 441 -40.43 -6.82 19.51
CA GLN A 441 -40.20 -7.91 18.56
C GLN A 441 -41.37 -7.95 17.57
N LEU A 442 -41.29 -7.08 16.56
CA LEU A 442 -42.39 -6.87 15.62
C LEU A 442 -41.83 -6.69 14.21
N THR A 443 -42.61 -7.13 13.21
CA THR A 443 -42.13 -7.04 11.82
C THR A 443 -41.88 -5.61 11.35
N PRO A 444 -42.79 -4.63 11.53
CA PRO A 444 -42.48 -3.29 11.04
C PRO A 444 -41.31 -2.62 11.76
N VAL A 445 -40.99 -3.02 12.99
CA VAL A 445 -39.79 -2.52 13.65
C VAL A 445 -38.53 -3.06 12.97
N ALA A 446 -38.53 -4.36 12.64
CA ALA A 446 -37.36 -4.94 11.97
C ALA A 446 -37.13 -4.32 10.61
N ILE A 447 -38.23 -4.05 9.86
CA ILE A 447 -38.11 -3.42 8.55
C ILE A 447 -37.55 -2.01 8.66
N GLN A 448 -38.08 -1.19 9.57
CA GLN A 448 -37.55 0.18 9.70
C GLN A 448 -36.08 0.15 10.13
N ALA A 449 -35.72 -0.72 11.07
CA ALA A 449 -34.33 -0.75 11.54
C ALA A 449 -33.38 -1.13 10.40
N GLY A 450 -33.76 -2.11 9.59
CA GLY A 450 -32.90 -2.54 8.49
C GLY A 450 -32.75 -1.49 7.40
N ARG A 451 -33.86 -0.86 6.99
CA ARG A 451 -33.78 0.16 5.93
C ARG A 451 -32.99 1.38 6.41
N TYR A 452 -33.26 1.84 7.63
CA TYR A 452 -32.57 3.04 8.11
C TYR A 452 -31.07 2.76 8.32
N LEU A 453 -30.72 1.56 8.80
CA LEU A 453 -29.31 1.18 8.94
C LEU A 453 -28.58 1.14 7.59
N ALA A 454 -29.19 0.52 6.57
CA ALA A 454 -28.56 0.49 5.25
C ALA A 454 -28.28 1.90 4.73
N ARG A 455 -29.20 2.84 4.96
CA ARG A 455 -28.97 4.21 4.50
C ARG A 455 -27.84 4.89 5.26
N ARG A 456 -27.67 4.59 6.54
CA ARG A 456 -26.56 5.21 7.27
C ARG A 456 -25.21 4.63 6.84
N LEU A 457 -25.16 3.32 6.54
CA LEU A 457 -23.90 2.70 6.14
C LEU A 457 -23.47 3.12 4.75
N PHE A 458 -24.42 3.21 3.81
CA PHE A 458 -24.03 3.34 2.40
C PHE A 458 -24.48 4.62 1.72
N ALA A 459 -25.26 5.48 2.38
CA ALA A 459 -25.70 6.74 1.78
C ALA A 459 -25.47 7.95 2.68
N GLY A 460 -24.69 7.81 3.75
CA GLY A 460 -24.42 8.95 4.60
C GLY A 460 -25.59 9.49 5.41
N ALA A 461 -26.68 8.73 5.53
CA ALA A 461 -27.82 9.18 6.33
C ALA A 461 -27.45 9.23 7.81
N THR A 462 -28.25 9.98 8.57
CA THR A 462 -28.05 10.10 10.01
C THR A 462 -29.25 9.65 10.85
N GLU A 463 -30.42 9.44 10.24
CA GLU A 463 -31.65 9.14 10.98
C GLU A 463 -31.57 7.79 11.69
N LEU A 464 -31.92 7.79 12.96
CA LEU A 464 -32.01 6.59 13.78
C LEU A 464 -33.46 6.07 13.81
N THR A 465 -33.60 4.78 14.09
CA THR A 465 -34.92 4.20 14.36
C THR A 465 -35.37 4.59 15.78
N ASP A 466 -36.64 4.98 15.91
CA ASP A 466 -37.24 5.33 17.20
C ASP A 466 -38.09 4.16 17.68
N TYR A 467 -37.65 3.53 18.78
CA TYR A 467 -38.30 2.33 19.29
C TYR A 467 -39.35 2.62 20.39
N SER A 468 -39.67 3.88 20.68
CA SER A 468 -40.59 4.21 21.77
C SER A 468 -42.04 4.27 21.27
N ASN A 469 -42.97 3.87 22.16
CA ASN A 469 -44.42 3.99 21.91
C ASN A 469 -44.85 3.32 20.60
N VAL A 470 -44.27 2.15 20.30
CA VAL A 470 -44.65 1.40 19.09
C VAL A 470 -45.97 0.66 19.35
N ALA A 471 -46.97 0.94 18.51
CA ALA A 471 -48.30 0.36 18.74
C ALA A 471 -48.34 -1.14 18.38
N THR A 472 -49.30 -1.85 18.98
CA THR A 472 -49.49 -3.29 18.84
C THR A 472 -50.95 -3.62 18.58
N THR A 473 -51.21 -4.81 18.01
CA THR A 473 -52.58 -5.37 18.03
C THR A 473 -52.53 -6.89 18.19
N VAL A 474 -53.32 -7.40 19.13
CA VAL A 474 -53.53 -8.83 19.35
C VAL A 474 -54.79 -9.26 18.60
N PHE A 475 -54.65 -10.20 17.67
CA PHE A 475 -55.77 -10.58 16.79
C PHE A 475 -56.53 -11.79 17.33
N THR A 476 -56.98 -11.61 18.58
CA THR A 476 -57.94 -12.52 19.21
C THR A 476 -59.35 -12.32 18.61
N PRO A 477 -60.28 -13.24 18.88
CA PRO A 477 -61.60 -13.15 18.22
C PRO A 477 -62.26 -11.77 18.38
N LEU A 478 -62.18 -11.15 19.55
CA LEU A 478 -62.35 -9.70 19.68
C LEU A 478 -60.95 -9.09 19.84
N GLU A 479 -60.59 -8.20 18.92
CA GLU A 479 -59.21 -7.73 18.81
C GLU A 479 -58.86 -6.68 19.88
N TYR A 480 -57.56 -6.60 20.22
CA TYR A 480 -57.06 -5.70 21.27
C TYR A 480 -55.88 -4.87 20.74
N GLY A 481 -56.11 -3.55 20.56
CA GLY A 481 -55.09 -2.65 20.07
C GLY A 481 -54.60 -1.75 21.21
N ALA A 482 -53.30 -1.42 21.17
CA ALA A 482 -52.70 -0.59 22.22
C ALA A 482 -51.53 0.24 21.69
N CYS A 483 -51.30 1.39 22.33
CA CYS A 483 -50.12 2.23 22.05
C CYS A 483 -49.69 2.92 23.34
N GLY A 484 -48.47 2.63 23.82
CA GLY A 484 -47.95 3.26 25.02
C GLY A 484 -48.03 2.41 26.29
N LEU A 485 -48.12 3.05 27.45
CA LEU A 485 -48.05 2.34 28.73
C LEU A 485 -49.37 1.66 29.10
N SER A 486 -49.24 0.49 29.75
CA SER A 486 -50.37 -0.04 30.50
C SER A 486 -50.68 0.87 31.68
N GLU A 487 -51.91 0.73 32.19
CA GLU A 487 -52.32 1.52 33.35
C GLU A 487 -51.46 1.19 34.57
N GLU A 488 -51.16 -0.08 34.80
CA GLU A 488 -50.33 -0.40 35.98
C GLU A 488 -48.89 0.10 35.82
N ASP A 489 -48.33 0.11 34.61
CA ASP A 489 -46.99 0.70 34.44
C ASP A 489 -47.00 2.22 34.61
N ALA A 490 -48.08 2.88 34.19
CA ALA A 490 -48.14 4.33 34.36
C ALA A 490 -48.20 4.70 35.85
N ILE A 491 -49.00 3.96 36.63
CA ILE A 491 -49.11 4.21 38.07
C ILE A 491 -47.80 3.91 38.79
N GLU A 492 -47.12 2.83 38.42
CA GLU A 492 -45.85 2.53 39.08
C GLU A 492 -44.79 3.61 38.80
N LYS A 493 -44.82 4.22 37.61
CA LYS A 493 -43.78 5.19 37.24
C LYS A 493 -44.04 6.58 37.82
N TYR A 494 -45.31 6.96 37.95
CA TYR A 494 -45.66 8.33 38.32
C TYR A 494 -46.45 8.45 39.60
N GLY A 495 -46.96 7.34 40.15
CA GLY A 495 -47.83 7.33 41.31
C GLY A 495 -49.30 7.52 41.00
N ASP A 496 -50.17 6.89 41.79
CA ASP A 496 -51.62 6.93 41.52
C ASP A 496 -52.18 8.35 41.47
N LYS A 497 -51.71 9.27 42.33
CA LYS A 497 -52.36 10.58 42.36
C LYS A 497 -52.09 11.40 41.11
N ASP A 498 -51.04 11.07 40.33
CA ASP A 498 -50.71 11.79 39.11
C ASP A 498 -51.30 11.14 37.86
N ILE A 499 -52.11 10.09 37.99
CA ILE A 499 -52.69 9.38 36.85
C ILE A 499 -54.21 9.56 36.84
N GLU A 500 -54.75 9.97 35.69
CA GLU A 500 -56.19 10.02 35.46
C GLU A 500 -56.52 9.07 34.30
N VAL A 501 -57.58 8.27 34.43
CA VAL A 501 -57.99 7.31 33.39
C VAL A 501 -59.42 7.63 32.93
N TYR A 502 -59.59 7.92 31.62
CA TYR A 502 -60.91 8.14 31.03
C TYR A 502 -61.31 6.88 30.27
N HIS A 503 -62.56 6.44 30.44
CA HIS A 503 -62.94 5.15 29.85
C HIS A 503 -64.43 5.10 29.49
N SER A 504 -64.76 4.14 28.61
CA SER A 504 -66.15 3.93 28.17
C SER A 504 -66.28 2.54 27.55
N ASN A 505 -67.42 1.89 27.81
CA ASN A 505 -67.86 0.82 26.92
C ASN A 505 -68.43 1.41 25.63
N PHE A 506 -68.60 0.54 24.63
CA PHE A 506 -69.28 0.93 23.40
C PHE A 506 -69.83 -0.30 22.70
N LYS A 507 -70.74 -0.05 21.76
CA LYS A 507 -71.37 -1.09 20.91
C LYS A 507 -71.25 -0.70 19.45
N PRO A 508 -70.59 -1.50 18.62
CA PRO A 508 -70.54 -1.20 17.17
C PRO A 508 -71.95 -1.14 16.61
N LEU A 509 -72.21 -0.18 15.71
CA LEU A 509 -73.54 -0.12 15.09
C LEU A 509 -73.90 -1.44 14.41
N GLU A 510 -72.89 -2.09 13.81
CA GLU A 510 -73.06 -3.35 13.10
C GLU A 510 -73.59 -4.45 14.02
N TRP A 511 -73.43 -4.31 15.34
CA TRP A 511 -73.84 -5.32 16.29
C TRP A 511 -75.29 -5.15 16.74
N THR A 512 -75.95 -4.05 16.35
CA THR A 512 -77.29 -3.78 16.89
C THR A 512 -78.32 -4.70 16.26
N VAL A 513 -78.45 -4.65 14.92
CA VAL A 513 -79.39 -5.51 14.23
C VAL A 513 -79.00 -6.98 14.38
N ALA A 514 -77.71 -7.26 14.59
CA ALA A 514 -77.25 -8.65 14.73
C ALA A 514 -77.42 -9.20 16.15
N HIS A 515 -77.93 -8.40 17.09
CA HIS A 515 -78.21 -8.84 18.47
C HIS A 515 -76.96 -9.36 19.20
N ARG A 516 -75.81 -8.69 19.01
CA ARG A 516 -74.61 -9.02 19.77
C ARG A 516 -74.54 -8.19 21.08
N GLU A 517 -73.45 -8.32 21.82
CA GLU A 517 -73.40 -7.87 23.22
C GLU A 517 -73.31 -6.35 23.38
N ASP A 518 -73.96 -5.83 24.43
CA ASP A 518 -74.12 -4.39 24.64
C ASP A 518 -72.87 -3.72 25.20
N ASN A 519 -72.17 -4.38 26.13
CA ASN A 519 -71.16 -3.74 26.97
C ASN A 519 -69.91 -4.62 27.09
N VAL A 520 -69.42 -5.14 25.97
CA VAL A 520 -68.20 -5.93 25.95
C VAL A 520 -67.04 -5.13 25.36
N CYS A 521 -67.28 -4.39 24.27
CA CYS A 521 -66.25 -3.52 23.71
C CYS A 521 -65.94 -2.39 24.70
N TYR A 522 -64.67 -1.96 24.73
CA TYR A 522 -64.18 -1.09 25.80
C TYR A 522 -62.96 -0.31 25.32
N MET A 523 -62.83 0.96 25.75
CA MET A 523 -61.64 1.75 25.50
C MET A 523 -61.30 2.67 26.67
N LYS A 524 -60.01 3.00 26.79
CA LYS A 524 -59.53 3.91 27.83
C LYS A 524 -58.28 4.67 27.39
N LEU A 525 -58.10 5.88 27.96
CA LEU A 525 -56.92 6.72 27.82
C LEU A 525 -56.31 6.89 29.21
N VAL A 526 -55.03 6.54 29.34
CA VAL A 526 -54.29 6.64 30.61
C VAL A 526 -53.43 7.92 30.52
N CYS A 527 -53.71 8.92 31.39
CA CYS A 527 -53.14 10.26 31.24
C CYS A 527 -52.38 10.71 32.48
N ARG A 528 -51.44 11.65 32.27
CA ARG A 528 -50.60 12.22 33.34
C ARG A 528 -51.05 13.63 33.70
N LYS A 529 -51.56 13.80 34.93
CA LYS A 529 -52.19 15.05 35.33
C LYS A 529 -51.20 16.21 35.31
N SER A 530 -50.00 16.00 35.87
CA SER A 530 -49.04 17.10 36.01
C SER A 530 -48.33 17.45 34.71
N ASP A 531 -48.53 16.68 33.63
CA ASP A 531 -47.98 17.06 32.33
C ASP A 531 -49.11 17.40 31.34
N ASN A 532 -50.01 18.30 31.73
CA ASN A 532 -51.07 18.82 30.84
C ASN A 532 -51.98 17.70 30.34
N MET A 533 -52.19 16.69 31.19
CA MET A 533 -52.99 15.50 30.87
C MET A 533 -52.49 14.81 29.60
N ARG A 534 -51.17 14.64 29.51
CA ARG A 534 -50.54 13.92 28.39
C ARG A 534 -51.09 12.50 28.31
N VAL A 535 -51.34 12.01 27.08
CA VAL A 535 -51.77 10.62 26.89
C VAL A 535 -50.55 9.70 26.98
N LEU A 536 -50.46 8.92 28.07
CA LEU A 536 -49.38 7.96 28.26
C LEU A 536 -49.65 6.62 27.59
N GLY A 537 -50.94 6.24 27.49
CA GLY A 537 -51.34 4.96 26.89
C GLY A 537 -52.78 4.97 26.39
N LEU A 538 -53.00 4.32 25.24
CA LEU A 538 -54.32 4.16 24.61
C LEU A 538 -54.60 2.66 24.45
N HIS A 539 -55.85 2.23 24.74
CA HIS A 539 -56.25 0.81 24.74
C HIS A 539 -57.64 0.64 24.16
N VAL A 540 -57.83 -0.29 23.22
CA VAL A 540 -59.17 -0.50 22.66
C VAL A 540 -59.41 -2.00 22.40
N LEU A 541 -60.55 -2.51 22.89
CA LEU A 541 -61.03 -3.88 22.60
C LEU A 541 -62.27 -3.75 21.73
N GLY A 542 -62.21 -4.26 20.49
CA GLY A 542 -63.33 -4.16 19.57
C GLY A 542 -62.98 -4.64 18.16
N PRO A 543 -63.93 -4.62 17.24
CA PRO A 543 -63.62 -5.02 15.86
C PRO A 543 -62.66 -4.03 15.20
N ASN A 544 -61.80 -4.57 14.31
CA ASN A 544 -60.86 -3.75 13.51
C ASN A 544 -59.95 -2.90 14.38
N ALA A 545 -59.51 -3.46 15.52
CA ALA A 545 -58.77 -2.67 16.52
C ALA A 545 -57.43 -2.16 15.99
N GLY A 546 -56.79 -2.88 15.07
CA GLY A 546 -55.55 -2.38 14.50
C GLY A 546 -55.76 -1.20 13.57
N GLU A 547 -56.85 -1.21 12.80
CA GLU A 547 -57.18 -0.04 11.97
C GLU A 547 -57.51 1.15 12.87
N ILE A 548 -58.23 0.91 13.96
CA ILE A 548 -58.57 1.99 14.90
C ILE A 548 -57.29 2.60 15.48
N THR A 549 -56.37 1.75 15.94
CA THR A 549 -55.23 2.21 16.75
C THR A 549 -54.18 2.95 15.93
N GLN A 550 -53.96 2.55 14.67
CA GLN A 550 -52.76 3.00 13.95
C GLN A 550 -52.63 4.53 13.91
N GLY A 551 -53.69 5.24 13.49
CA GLY A 551 -53.57 6.69 13.32
C GLY A 551 -53.26 7.42 14.61
N TYR A 552 -53.80 6.94 15.74
CA TYR A 552 -53.51 7.57 17.02
C TYR A 552 -52.03 7.43 17.40
N ALA A 553 -51.34 6.41 16.88
CA ALA A 553 -49.91 6.28 17.19
C ALA A 553 -49.12 7.48 16.70
N VAL A 554 -49.53 8.10 15.58
CA VAL A 554 -48.88 9.34 15.11
C VAL A 554 -49.10 10.46 16.13
N ALA A 555 -50.33 10.63 16.59
CA ALA A 555 -50.62 11.68 17.57
C ALA A 555 -49.85 11.48 18.88
N ILE A 556 -49.77 10.23 19.37
CA ILE A 556 -48.99 9.97 20.59
C ILE A 556 -47.49 10.23 20.38
N LYS A 557 -46.96 9.84 19.21
CA LYS A 557 -45.58 10.19 18.87
C LYS A 557 -45.32 11.69 19.01
N MET A 558 -46.31 12.52 18.64
CA MET A 558 -46.21 13.98 18.68
C MET A 558 -46.55 14.59 20.04
N GLY A 559 -46.83 13.78 21.06
CA GLY A 559 -47.15 14.30 22.40
C GLY A 559 -48.59 14.70 22.66
N ALA A 560 -49.57 13.96 22.12
CA ALA A 560 -50.97 14.33 22.27
C ALA A 560 -51.39 14.36 23.74
N THR A 561 -52.24 15.33 24.08
CA THR A 561 -52.89 15.45 25.38
C THR A 561 -54.38 15.14 25.26
N LYS A 562 -55.03 14.98 26.41
CA LYS A 562 -56.50 14.80 26.39
C LYS A 562 -57.18 15.95 25.68
N ALA A 563 -56.65 17.18 25.81
CA ALA A 563 -57.25 18.31 25.12
C ALA A 563 -57.18 18.16 23.60
N ASP A 564 -56.12 17.52 23.08
CA ASP A 564 -56.05 17.29 21.64
C ASP A 564 -57.12 16.30 21.19
N PHE A 565 -57.41 15.26 21.98
CA PHE A 565 -58.50 14.36 21.62
C PHE A 565 -59.85 15.09 21.67
N ASP A 566 -60.03 15.97 22.67
CA ASP A 566 -61.31 16.66 22.82
C ASP A 566 -61.60 17.63 21.67
N ARG A 567 -60.59 18.38 21.20
CA ARG A 567 -60.85 19.37 20.16
C ARG A 567 -60.98 18.77 18.77
N THR A 568 -60.55 17.52 18.57
CA THR A 568 -60.74 16.82 17.30
C THR A 568 -62.15 16.26 17.22
N ILE A 569 -62.81 16.40 16.06
CA ILE A 569 -64.21 16.00 15.89
C ILE A 569 -64.28 14.54 15.41
N GLY A 570 -65.32 13.81 15.86
CA GLY A 570 -65.49 12.42 15.43
C GLY A 570 -66.02 12.27 13.99
N ILE A 571 -65.77 11.07 13.43
CA ILE A 571 -66.41 10.57 12.20
C ILE A 571 -67.53 9.60 12.61
N HIS A 572 -68.75 9.87 12.13
CA HIS A 572 -69.94 9.09 12.52
C HIS A 572 -70.58 8.40 11.32
N PRO A 573 -71.03 7.12 11.46
CA PRO A 573 -70.92 6.24 12.63
C PRO A 573 -69.69 5.35 12.55
N THR A 574 -68.81 5.41 13.56
CA THR A 574 -67.61 4.55 13.65
C THR A 574 -67.41 4.12 15.09
N CYS A 575 -66.62 3.04 15.26
CA CYS A 575 -66.18 2.70 16.62
C CYS A 575 -65.14 3.69 17.13
N SER A 576 -64.23 4.12 16.24
CA SER A 576 -63.09 4.93 16.68
C SER A 576 -63.53 6.28 17.26
N GLU A 577 -64.65 6.85 16.79
CA GLU A 577 -65.04 8.19 17.26
C GLU A 577 -65.25 8.24 18.77
N THR A 578 -65.49 7.10 19.43
CA THR A 578 -65.70 7.14 20.88
C THR A 578 -64.49 7.73 21.61
N PHE A 579 -63.29 7.70 21.01
CA PHE A 579 -62.10 8.28 21.64
C PHE A 579 -62.19 9.80 21.68
N THR A 580 -63.04 10.42 20.87
CA THR A 580 -63.06 11.87 20.77
C THR A 580 -63.96 12.55 21.80
N THR A 581 -64.78 11.78 22.53
CA THR A 581 -65.74 12.34 23.48
C THR A 581 -65.69 11.67 24.86
N LEU A 582 -64.56 11.06 25.23
CA LEU A 582 -64.50 10.39 26.53
C LEU A 582 -64.58 11.41 27.66
N HIS A 583 -65.24 11.01 28.76
CA HIS A 583 -65.45 11.94 29.87
C HIS A 583 -65.54 11.27 31.26
N VAL A 584 -65.91 9.99 31.35
CA VAL A 584 -66.02 9.32 32.64
C VAL A 584 -64.61 8.95 33.13
N THR A 585 -64.25 9.39 34.35
CA THR A 585 -62.98 8.99 34.96
C THR A 585 -63.18 7.80 35.89
N LYS A 586 -62.11 6.99 36.04
CA LYS A 586 -62.18 5.89 37.00
C LYS A 586 -62.27 6.44 38.42
N LYS A 587 -61.61 7.57 38.70
CA LYS A 587 -61.65 8.13 40.05
C LYS A 587 -63.08 8.50 40.46
N SER A 588 -63.90 8.97 39.51
CA SER A 588 -65.26 9.40 39.84
C SER A 588 -66.13 8.25 40.29
N GLY A 589 -65.76 7.01 39.97
CA GLY A 589 -66.59 5.87 40.28
C GLY A 589 -67.82 5.70 39.41
N VAL A 590 -68.04 6.58 38.41
CA VAL A 590 -69.23 6.49 37.57
C VAL A 590 -69.10 5.33 36.58
N SER A 591 -70.20 4.63 36.33
CA SER A 591 -70.19 3.46 35.45
C SER A 591 -69.76 3.83 34.03
N PRO A 592 -68.97 2.99 33.36
CA PRO A 592 -68.64 3.23 31.94
C PRO A 592 -69.64 2.67 30.94
N ILE A 593 -70.70 2.00 31.38
CA ILE A 593 -71.65 1.39 30.43
C ILE A 593 -72.41 2.47 29.64
N GLY B 7 66.75 33.19 -11.35
CA GLY B 7 65.50 32.49 -11.65
C GLY B 7 65.32 32.19 -13.12
N THR B 8 65.42 33.23 -13.95
CA THR B 8 65.30 33.03 -15.40
C THR B 8 66.43 32.14 -15.92
N SER B 9 67.66 32.36 -15.42
CA SER B 9 68.80 31.62 -15.92
C SER B 9 68.65 30.12 -15.63
N GLN B 10 68.15 29.76 -14.45
CA GLN B 10 68.04 28.34 -14.10
C GLN B 10 66.94 27.65 -14.88
N TRP B 11 65.84 28.34 -15.15
CA TRP B 11 64.80 27.77 -16.01
C TRP B 11 65.32 27.50 -17.42
N LEU B 12 66.08 28.45 -17.98
CA LEU B 12 66.58 28.26 -19.34
C LEU B 12 67.54 27.08 -19.42
N ARG B 13 68.42 26.95 -18.44
CA ARG B 13 69.37 25.84 -18.40
C ARG B 13 68.66 24.50 -18.35
N LYS B 14 67.66 24.40 -17.46
CA LYS B 14 66.93 23.14 -17.30
C LYS B 14 66.14 22.81 -18.56
N THR B 15 65.56 23.83 -19.20
CA THR B 15 64.79 23.65 -20.43
C THR B 15 65.68 23.20 -21.59
N VAL B 16 66.86 23.81 -21.74
CA VAL B 16 67.75 23.46 -22.84
C VAL B 16 68.29 22.04 -22.66
N ASP B 17 68.67 21.67 -21.42
CA ASP B 17 69.25 20.34 -21.20
C ASP B 17 68.23 19.23 -21.45
N SER B 18 66.95 19.48 -21.18
CA SER B 18 65.95 18.42 -21.20
C SER B 18 65.20 18.30 -22.52
N ALA B 19 65.02 19.41 -23.26
CA ALA B 19 64.25 19.34 -24.49
C ALA B 19 64.95 18.46 -25.53
N ALA B 20 64.15 17.75 -26.32
CA ALA B 20 64.71 16.96 -27.42
C ALA B 20 65.10 17.84 -28.59
N VAL B 21 64.16 18.65 -29.09
CA VAL B 21 64.38 19.64 -30.15
C VAL B 21 63.57 20.88 -29.79
N ILE B 22 64.23 22.03 -29.67
CA ILE B 22 63.52 23.26 -29.27
C ILE B 22 64.04 24.46 -30.05
N LEU B 23 63.11 25.28 -30.51
CA LEU B 23 63.38 26.49 -31.29
C LEU B 23 62.98 27.71 -30.45
N PHE B 24 63.91 28.64 -30.26
CA PHE B 24 63.61 29.92 -29.65
C PHE B 24 63.34 30.93 -30.76
N SER B 25 62.21 31.64 -30.67
CA SER B 25 61.60 32.25 -31.85
C SER B 25 60.92 33.56 -31.47
N LYS B 26 60.48 34.29 -32.50
CA LYS B 26 59.55 35.40 -32.36
C LYS B 26 58.52 35.31 -33.48
N THR B 27 57.26 35.62 -33.16
CA THR B 27 56.18 35.44 -34.12
C THR B 27 56.29 36.38 -35.31
N THR B 28 56.97 37.51 -35.15
CA THR B 28 57.04 38.55 -36.17
C THR B 28 58.23 38.38 -37.12
N CYS B 29 59.17 37.49 -36.82
CA CYS B 29 60.43 37.41 -37.57
C CYS B 29 60.30 36.49 -38.77
N PRO B 30 60.57 36.96 -39.99
CA PRO B 30 60.51 36.05 -41.15
C PRO B 30 61.62 35.01 -41.17
N TYR B 31 62.76 35.27 -40.52
CA TYR B 31 63.82 34.27 -40.45
C TYR B 31 63.37 33.08 -39.61
N CYS B 32 62.60 33.34 -38.56
CA CYS B 32 62.02 32.25 -37.77
C CYS B 32 61.02 31.45 -38.60
N LYS B 33 60.14 32.15 -39.33
CA LYS B 33 59.20 31.48 -40.21
C LYS B 33 59.92 30.57 -41.20
N LYS B 34 61.07 31.02 -41.71
CA LYS B 34 61.81 30.22 -42.68
C LYS B 34 62.34 28.93 -42.07
N VAL B 35 62.79 28.98 -40.82
CA VAL B 35 63.29 27.78 -40.16
C VAL B 35 62.14 26.86 -39.78
N LYS B 36 61.04 27.42 -39.29
CA LYS B 36 59.85 26.62 -38.99
C LYS B 36 59.42 25.81 -40.20
N ASP B 37 59.40 26.45 -41.38
CA ASP B 37 58.93 25.78 -42.59
C ASP B 37 59.87 24.64 -42.99
N VAL B 38 61.17 24.83 -42.80
CA VAL B 38 62.14 23.79 -43.12
C VAL B 38 61.92 22.58 -42.21
N LEU B 39 61.75 22.82 -40.92
CA LEU B 39 61.57 21.72 -39.97
C LEU B 39 60.29 20.93 -40.28
N ALA B 40 59.21 21.64 -40.63
CA ALA B 40 57.97 20.95 -40.98
C ALA B 40 58.13 20.10 -42.23
N GLU B 41 58.76 20.65 -43.26
CA GLU B 41 58.97 19.89 -44.50
C GLU B 41 59.79 18.64 -44.26
N ALA B 42 60.81 18.73 -43.41
CA ALA B 42 61.60 17.56 -43.06
C ALA B 42 60.91 16.65 -42.04
N LYS B 43 59.68 17.00 -41.64
CA LYS B 43 58.91 16.22 -40.67
C LYS B 43 59.67 16.10 -39.35
N ILE B 44 60.30 17.19 -38.93
CA ILE B 44 61.01 17.26 -37.65
C ILE B 44 60.10 17.98 -36.67
N LYS B 45 59.62 17.24 -35.67
CA LYS B 45 58.79 17.82 -34.60
C LYS B 45 59.69 18.41 -33.52
N HIS B 46 59.19 19.49 -32.90
CA HIS B 46 59.98 20.26 -31.96
C HIS B 46 59.06 21.11 -31.09
N ALA B 47 59.59 21.54 -29.95
CA ALA B 47 58.98 22.58 -29.14
C ALA B 47 59.36 23.95 -29.67
N THR B 48 58.53 24.96 -29.37
CA THR B 48 58.78 26.33 -29.78
C THR B 48 58.48 27.28 -28.62
N ILE B 49 59.40 28.20 -28.36
CA ILE B 49 59.25 29.22 -27.32
C ILE B 49 59.26 30.57 -28.00
N GLU B 50 58.11 31.27 -27.98
CA GLU B 50 57.97 32.57 -28.63
C GLU B 50 58.31 33.66 -27.62
N LEU B 51 59.46 34.32 -27.79
CA LEU B 51 59.91 35.28 -26.79
C LEU B 51 59.06 36.54 -26.77
N ASP B 52 58.53 36.97 -27.93
CA ASP B 52 57.68 38.16 -27.96
C ASP B 52 56.30 37.93 -27.34
N GLN B 53 56.10 36.84 -26.61
CA GLN B 53 54.84 36.57 -25.93
C GLN B 53 55.05 36.16 -24.48
N LEU B 54 56.23 36.41 -23.94
CA LEU B 54 56.53 36.17 -22.54
C LEU B 54 56.93 37.48 -21.88
N SER B 55 56.48 37.67 -20.63
CA SER B 55 56.76 38.91 -19.92
C SER B 55 58.24 39.23 -19.89
N ASN B 56 59.08 38.23 -19.55
CA ASN B 56 60.52 38.42 -19.45
C ASN B 56 61.27 37.83 -20.64
N GLY B 57 60.67 37.84 -21.83
CA GLY B 57 61.37 37.36 -23.01
C GLY B 57 62.63 38.15 -23.35
N SER B 58 62.73 39.39 -22.88
CA SER B 58 63.94 40.17 -23.14
C SER B 58 65.12 39.64 -22.35
N ALA B 59 64.87 39.19 -21.11
CA ALA B 59 65.94 38.63 -20.30
C ALA B 59 66.35 37.25 -20.81
N ILE B 60 65.39 36.45 -21.28
CA ILE B 60 65.70 35.13 -21.82
C ILE B 60 66.64 35.25 -23.02
N GLN B 61 66.34 36.21 -23.91
CA GLN B 61 67.17 36.43 -25.08
C GLN B 61 68.63 36.65 -24.70
N LYS B 62 68.87 37.32 -23.57
CA LYS B 62 70.23 37.59 -23.14
C LYS B 62 70.87 36.35 -22.51
N CYS B 63 70.07 35.55 -21.79
CA CYS B 63 70.62 34.33 -21.18
C CYS B 63 71.01 33.30 -22.23
N LEU B 64 70.30 33.26 -23.37
CA LEU B 64 70.62 32.32 -24.44
C LEU B 64 72.06 32.43 -24.88
N ALA B 65 72.64 33.63 -24.81
CA ALA B 65 74.01 33.83 -25.27
C ALA B 65 75.01 32.99 -24.49
N SER B 66 74.68 32.63 -23.25
CA SER B 66 75.55 31.76 -22.46
C SER B 66 75.75 30.39 -23.10
N PHE B 67 74.83 29.97 -23.97
CA PHE B 67 74.94 28.69 -24.67
C PHE B 67 75.43 28.85 -26.10
N SER B 68 74.98 29.90 -26.79
CA SER B 68 75.22 30.06 -28.23
C SER B 68 76.23 31.16 -28.56
N LYS B 69 76.49 32.08 -27.63
CA LYS B 69 77.29 33.27 -27.85
C LYS B 69 76.67 34.22 -28.88
N ILE B 70 75.37 34.10 -29.13
CA ILE B 70 74.61 35.09 -29.88
C ILE B 70 73.38 35.48 -29.07
N GLU B 71 72.87 36.68 -29.32
CA GLU B 71 71.74 37.23 -28.59
C GLU B 71 70.51 37.39 -29.47
N THR B 72 70.51 36.78 -30.65
CA THR B 72 69.50 36.99 -31.66
C THR B 72 68.66 35.73 -31.84
N VAL B 73 67.65 35.84 -32.70
CA VAL B 73 66.61 34.83 -32.87
C VAL B 73 66.44 34.62 -34.38
N PRO B 74 66.29 33.38 -34.89
CA PRO B 74 66.06 32.08 -34.20
C PRO B 74 67.31 31.41 -33.65
N GLN B 75 67.13 30.54 -32.65
CA GLN B 75 68.18 29.67 -32.15
C GLN B 75 67.60 28.27 -31.94
N MET B 76 68.22 27.26 -32.56
CA MET B 76 67.75 25.88 -32.50
C MET B 76 68.70 25.05 -31.65
N PHE B 77 68.14 24.24 -30.74
CA PHE B 77 68.91 23.32 -29.90
C PHE B 77 68.39 21.89 -30.07
N VAL B 78 69.30 20.92 -29.93
CA VAL B 78 68.96 19.50 -29.97
C VAL B 78 69.64 18.83 -28.78
N ARG B 79 68.82 18.31 -27.85
CA ARG B 79 69.30 17.54 -26.69
C ARG B 79 70.44 18.28 -25.97
N GLY B 80 70.25 19.58 -25.76
CA GLY B 80 71.15 20.38 -24.96
C GLY B 80 72.25 21.09 -25.72
N LYS B 81 72.36 20.90 -27.02
CA LYS B 81 73.43 21.47 -27.83
C LYS B 81 72.89 22.53 -28.78
N PHE B 82 73.57 23.68 -28.81
CA PHE B 82 73.23 24.70 -29.80
C PHE B 82 73.57 24.21 -31.20
N ILE B 83 72.62 24.29 -32.11
CA ILE B 83 72.80 23.80 -33.47
C ILE B 83 73.09 24.93 -34.45
N GLY B 84 72.38 26.05 -34.38
CA GLY B 84 72.71 27.16 -35.25
C GLY B 84 71.60 28.18 -35.36
N ASP B 85 71.92 29.26 -36.08
CA ASP B 85 70.95 30.29 -36.42
C ASP B 85 70.31 29.94 -37.78
N SER B 86 69.68 30.91 -38.42
CA SER B 86 68.98 30.66 -39.69
C SER B 86 69.91 30.13 -40.77
N GLN B 87 70.98 30.87 -41.09
CA GLN B 87 71.87 30.43 -42.16
C GLN B 87 72.43 29.03 -41.89
N THR B 88 72.78 28.75 -40.62
CA THR B 88 73.45 27.48 -40.33
C THR B 88 72.48 26.30 -40.44
N VAL B 89 71.26 26.45 -39.93
CA VAL B 89 70.28 25.38 -40.06
C VAL B 89 70.02 25.07 -41.53
N LEU B 90 69.87 26.13 -42.34
CA LEU B 90 69.60 25.93 -43.77
C LEU B 90 70.80 25.32 -44.49
N LYS B 91 72.01 25.59 -44.00
CA LYS B 91 73.19 24.89 -44.52
C LYS B 91 73.10 23.39 -44.25
N TYR B 92 72.71 23.01 -43.04
CA TYR B 92 72.59 21.59 -42.74
C TYR B 92 71.50 20.94 -43.59
N TYR B 93 70.42 21.66 -43.85
CA TYR B 93 69.33 21.14 -44.67
C TYR B 93 69.77 20.99 -46.13
N SER B 94 70.52 21.96 -46.64
CA SER B 94 70.96 21.91 -48.03
C SER B 94 71.95 20.78 -48.27
N ASN B 95 72.83 20.52 -47.30
CA ASN B 95 73.85 19.49 -47.41
C ASN B 95 73.38 18.12 -46.92
N ASP B 96 72.08 17.94 -46.67
CA ASP B 96 71.53 16.68 -46.17
C ASP B 96 72.24 16.22 -44.90
N GLU B 97 72.53 17.17 -44.02
CA GLU B 97 73.14 16.86 -42.73
C GLU B 97 72.17 17.01 -41.57
N LEU B 98 70.97 17.55 -41.81
CA LEU B 98 70.08 17.92 -40.71
C LEU B 98 69.49 16.68 -40.02
N ALA B 99 69.00 15.72 -40.80
CA ALA B 99 68.37 14.54 -40.18
C ALA B 99 69.34 13.82 -39.25
N GLY B 100 70.60 13.71 -39.65
CA GLY B 100 71.59 13.09 -38.78
C GLY B 100 71.78 13.87 -37.49
N ILE B 101 71.76 15.19 -37.56
CA ILE B 101 72.01 16.00 -36.37
C ILE B 101 70.89 15.85 -35.35
N VAL B 102 69.63 15.92 -35.81
CA VAL B 102 68.50 15.89 -34.88
C VAL B 102 68.23 14.51 -34.30
N ASN B 103 68.83 13.46 -34.86
CA ASN B 103 68.60 12.11 -34.37
C ASN B 103 69.74 11.56 -33.52
N GLU B 104 70.86 12.26 -33.40
CA GLU B 104 71.92 11.76 -32.53
C GLU B 104 71.53 11.92 -31.07
N SER B 105 71.70 10.84 -30.31
CA SER B 105 71.31 10.79 -28.91
C SER B 105 72.20 9.79 -28.20
N LYS B 106 72.51 10.08 -26.93
CA LYS B 106 73.23 9.11 -26.11
C LYS B 106 72.40 7.86 -25.83
N TYR B 107 71.08 7.97 -25.93
CA TYR B 107 70.15 6.92 -25.51
C TYR B 107 69.30 6.48 -26.69
N ASP B 108 68.72 5.26 -26.57
CA ASP B 108 67.77 4.81 -27.58
C ASP B 108 66.55 5.73 -27.68
N TYR B 109 66.06 6.23 -26.53
CA TYR B 109 64.85 7.04 -26.47
C TYR B 109 65.05 8.25 -25.57
N ASP B 110 64.39 9.35 -25.91
CA ASP B 110 64.31 10.47 -24.98
C ASP B 110 63.45 10.13 -23.75
N LEU B 111 62.42 9.31 -23.93
CA LEU B 111 61.48 8.93 -22.87
C LEU B 111 61.07 7.47 -23.01
N ILE B 112 61.15 6.70 -21.93
CA ILE B 112 60.52 5.39 -21.84
C ILE B 112 59.43 5.46 -20.77
N VAL B 113 58.21 5.13 -21.16
CA VAL B 113 57.08 5.00 -20.22
C VAL B 113 56.85 3.52 -19.96
N ILE B 114 56.97 3.11 -18.70
CA ILE B 114 56.61 1.75 -18.28
C ILE B 114 55.16 1.77 -17.79
N GLY B 115 54.26 1.20 -18.60
CA GLY B 115 52.84 1.15 -18.27
C GLY B 115 51.98 1.90 -19.27
N GLY B 116 51.07 1.18 -19.95
CA GLY B 116 50.24 1.75 -21.00
C GLY B 116 48.79 1.98 -20.58
N GLY B 117 48.59 2.67 -19.46
CA GLY B 117 47.27 2.98 -18.95
C GLY B 117 46.88 4.46 -18.99
N SER B 118 45.99 4.87 -18.09
CA SER B 118 45.48 6.26 -18.10
C SER B 118 46.62 7.28 -18.11
N GLY B 119 47.54 7.19 -17.15
CA GLY B 119 48.61 8.18 -17.08
C GLY B 119 49.68 7.99 -18.15
N GLY B 120 50.08 6.74 -18.39
CA GLY B 120 51.22 6.50 -19.27
C GLY B 120 50.95 6.84 -20.72
N LEU B 121 49.76 6.47 -21.23
CA LEU B 121 49.45 6.82 -22.62
C LEU B 121 49.35 8.33 -22.79
N ALA B 122 48.79 9.04 -21.80
CA ALA B 122 48.69 10.49 -21.88
C ALA B 122 50.07 11.14 -21.91
N ALA B 123 50.96 10.69 -21.01
CA ALA B 123 52.32 11.22 -20.96
C ALA B 123 53.07 10.97 -22.27
N GLY B 124 52.98 9.75 -22.79
CA GLY B 124 53.74 9.41 -23.98
C GLY B 124 53.29 10.17 -25.22
N LYS B 125 51.97 10.31 -25.40
CA LYS B 125 51.46 11.04 -26.55
C LYS B 125 51.88 12.50 -26.49
N GLU B 126 51.79 13.12 -25.31
CA GLU B 126 52.13 14.53 -25.17
C GLU B 126 53.62 14.78 -25.39
N ALA B 127 54.48 13.89 -24.89
CA ALA B 127 55.91 14.07 -25.08
C ALA B 127 56.28 14.04 -26.57
N ALA B 128 55.71 13.07 -27.30
CA ALA B 128 56.03 12.93 -28.72
C ALA B 128 55.65 14.18 -29.52
N LYS B 129 54.65 14.94 -29.08
CA LYS B 129 54.27 16.17 -29.76
C LYS B 129 55.37 17.21 -29.82
N TYR B 130 56.34 17.16 -28.91
CA TYR B 130 57.42 18.12 -28.87
C TYR B 130 58.73 17.52 -29.37
N GLY B 131 58.66 16.41 -30.09
CA GLY B 131 59.84 15.83 -30.69
C GLY B 131 60.57 14.81 -29.85
N ALA B 132 60.08 14.49 -28.65
CA ALA B 132 60.72 13.45 -27.85
C ALA B 132 60.52 12.08 -28.50
N LYS B 133 61.63 11.36 -28.70
CA LYS B 133 61.57 10.00 -29.22
C LYS B 133 61.15 9.09 -28.08
N THR B 134 59.96 8.48 -28.20
CA THR B 134 59.23 7.91 -27.08
C THR B 134 58.89 6.44 -27.31
N ALA B 135 59.03 5.64 -26.25
CA ALA B 135 58.52 4.28 -26.20
C ALA B 135 57.51 4.13 -25.06
N VAL B 136 56.40 3.45 -25.34
CA VAL B 136 55.42 3.06 -24.32
C VAL B 136 55.37 1.54 -24.23
N LEU B 137 55.60 1.00 -23.03
CA LEU B 137 55.60 -0.43 -22.76
C LEU B 137 54.32 -0.80 -22.01
N ASP B 138 53.63 -1.87 -22.45
CA ASP B 138 52.46 -2.36 -21.73
C ASP B 138 52.35 -3.88 -21.81
N TYR B 139 52.05 -4.50 -20.67
CA TYR B 139 51.82 -5.93 -20.53
C TYR B 139 50.78 -6.11 -19.44
N VAL B 140 49.84 -7.02 -19.68
CA VAL B 140 48.77 -7.35 -18.73
C VAL B 140 49.01 -8.77 -18.22
N GLU B 141 49.50 -8.88 -16.99
CA GLU B 141 49.63 -10.19 -16.36
C GLU B 141 48.24 -10.79 -16.12
N PRO B 142 47.98 -12.02 -16.56
CA PRO B 142 46.64 -12.58 -16.44
C PRO B 142 46.23 -12.81 -14.99
N THR B 143 44.91 -12.84 -14.78
CA THR B 143 44.35 -13.15 -13.48
C THR B 143 44.54 -14.63 -13.18
N PRO B 144 44.27 -15.06 -11.94
CA PRO B 144 44.39 -16.49 -11.62
C PRO B 144 43.59 -17.43 -12.51
N ILE B 145 42.39 -17.06 -12.98
CA ILE B 145 41.67 -17.93 -13.91
C ILE B 145 42.08 -17.67 -15.35
N GLY B 146 43.04 -16.78 -15.60
CA GLY B 146 43.58 -16.55 -16.92
C GLY B 146 43.00 -15.40 -17.73
N THR B 147 42.20 -14.53 -17.13
CA THR B 147 41.65 -13.38 -17.86
C THR B 147 42.74 -12.37 -18.23
N THR B 148 42.68 -11.87 -19.48
CA THR B 148 43.58 -10.84 -20.00
C THR B 148 42.81 -9.89 -20.92
N TRP B 149 43.44 -8.77 -21.32
CA TRP B 149 42.79 -7.71 -22.11
C TRP B 149 43.86 -6.87 -22.82
N GLY B 150 43.41 -5.84 -23.55
CA GLY B 150 44.28 -5.08 -24.45
C GLY B 150 44.80 -3.76 -23.87
N LEU B 151 45.33 -2.93 -24.78
CA LEU B 151 45.98 -1.67 -24.38
C LEU B 151 44.98 -0.67 -23.81
N GLY B 152 45.41 0.07 -22.78
CA GLY B 152 44.56 1.13 -22.26
C GLY B 152 44.48 1.25 -20.73
N GLY B 153 44.85 0.19 -20.01
CA GLY B 153 44.93 0.23 -18.55
C GLY B 153 43.64 -0.18 -17.84
N THR B 154 43.62 0.07 -16.52
CA THR B 154 42.55 -0.45 -15.66
C THR B 154 41.20 0.20 -15.98
N CYS B 155 41.17 1.52 -16.12
CA CYS B 155 39.90 2.21 -16.34
C CYS B 155 39.22 1.75 -17.63
N VAL B 156 40.00 1.69 -18.71
CA VAL B 156 39.47 1.35 -20.03
C VAL B 156 38.92 -0.07 -20.04
N ASN B 157 39.69 -1.03 -19.51
CA ASN B 157 39.42 -2.45 -19.70
C ASN B 157 38.63 -3.10 -18.56
N VAL B 158 38.90 -2.74 -17.31
CA VAL B 158 38.29 -3.44 -16.16
C VAL B 158 37.95 -2.45 -15.05
N GLY B 159 37.57 -1.22 -15.43
CA GLY B 159 37.34 -0.17 -14.46
C GLY B 159 36.23 0.81 -14.80
N CYS B 160 36.54 2.11 -14.82
CA CYS B 160 35.50 3.14 -14.97
C CYS B 160 34.57 2.87 -16.14
N ILE B 161 35.12 2.45 -17.29
CA ILE B 161 34.35 2.36 -18.53
C ILE B 161 33.36 1.20 -18.47
N PRO B 162 33.77 -0.07 -18.30
CA PRO B 162 32.75 -1.12 -18.22
C PRO B 162 31.84 -1.00 -17.00
N LYS B 163 32.33 -0.50 -15.85
CA LYS B 163 31.46 -0.46 -14.69
C LYS B 163 30.36 0.59 -14.87
N LYS B 164 30.67 1.73 -15.51
CA LYS B 164 29.57 2.70 -15.71
C LYS B 164 28.60 2.25 -16.79
N LEU B 165 29.06 1.46 -17.77
CA LEU B 165 28.13 0.92 -18.76
C LEU B 165 27.19 -0.12 -18.15
N MET B 166 27.68 -0.96 -17.23
CA MET B 166 26.83 -1.90 -16.50
C MET B 166 25.89 -1.16 -15.55
N HIS B 167 26.38 -0.09 -14.89
CA HIS B 167 25.53 0.81 -14.11
C HIS B 167 24.37 1.37 -14.94
N GLN B 168 24.66 1.82 -16.18
CA GLN B 168 23.60 2.34 -17.04
C GLN B 168 22.58 1.25 -17.40
N ALA B 169 23.05 0.01 -17.61
CA ALA B 169 22.11 -1.09 -17.82
C ALA B 169 21.19 -1.25 -16.62
N GLY B 170 21.74 -1.08 -15.41
CA GLY B 170 20.91 -1.17 -14.21
C GLY B 170 19.94 0.00 -14.09
N LEU B 171 20.40 1.22 -14.41
CA LEU B 171 19.51 2.38 -14.35
C LEU B 171 18.33 2.24 -15.31
N LEU B 172 18.55 1.57 -16.45
CA LEU B 172 17.48 1.44 -17.42
C LEU B 172 16.36 0.53 -16.91
N SER B 173 16.60 -0.31 -15.90
CA SER B 173 15.50 -1.07 -15.31
C SER B 173 14.47 -0.15 -14.68
N HIS B 174 14.92 0.92 -14.01
CA HIS B 174 14.00 1.86 -13.42
C HIS B 174 13.35 2.77 -14.47
N ALA B 175 14.07 3.05 -15.56
CA ALA B 175 13.46 3.76 -16.68
C ALA B 175 12.28 2.97 -17.24
N LEU B 176 12.43 1.64 -17.38
CA LEU B 176 11.31 0.80 -17.83
C LEU B 176 10.13 0.89 -16.88
N GLU B 177 10.37 0.81 -15.57
CA GLU B 177 9.27 0.95 -14.61
C GLU B 177 8.62 2.32 -14.71
N ASP B 178 9.43 3.38 -14.72
CA ASP B 178 8.90 4.75 -14.77
C ASP B 178 8.05 4.99 -16.03
N ALA B 179 8.43 4.39 -17.16
CA ALA B 179 7.75 4.68 -18.43
C ALA B 179 6.26 4.39 -18.38
N GLU B 180 5.85 3.39 -17.59
CA GLU B 180 4.42 3.07 -17.47
C GLU B 180 3.65 4.23 -16.90
N HIS B 181 4.20 4.87 -15.86
CA HIS B 181 3.51 5.98 -15.20
C HIS B 181 3.42 7.21 -16.09
N PHE B 182 4.38 7.38 -17.02
CA PHE B 182 4.35 8.49 -17.96
C PHE B 182 3.52 8.20 -19.21
N GLY B 183 2.82 7.06 -19.26
CA GLY B 183 1.88 6.78 -20.33
C GLY B 183 2.28 5.72 -21.34
N TRP B 184 3.47 5.12 -21.24
CA TRP B 184 3.87 4.08 -22.19
C TRP B 184 3.28 2.72 -21.83
N SER B 185 2.98 1.90 -22.85
CA SER B 185 2.13 0.72 -22.72
C SER B 185 2.87 -0.54 -22.31
N LEU B 186 4.14 -0.46 -21.96
CA LEU B 186 4.88 -1.68 -21.63
C LEU B 186 4.50 -2.17 -20.23
N ASP B 187 4.81 -3.43 -19.97
CA ASP B 187 4.64 -4.05 -18.65
C ASP B 187 6.00 -4.57 -18.17
N ARG B 188 6.62 -3.79 -17.28
CA ARG B 188 7.96 -4.11 -16.78
C ARG B 188 8.05 -5.53 -16.23
N SER B 189 6.96 -6.06 -15.68
CA SER B 189 7.01 -7.36 -15.02
C SER B 189 7.28 -8.51 -15.98
N LYS B 190 7.01 -8.37 -17.28
CA LYS B 190 7.30 -9.44 -18.22
C LYS B 190 8.56 -9.18 -19.06
N ILE B 191 9.51 -8.43 -18.52
CA ILE B 191 10.76 -8.10 -19.20
C ILE B 191 11.91 -8.65 -18.35
N SER B 192 12.91 -9.24 -19.02
CA SER B 192 14.07 -9.84 -18.36
C SER B 192 15.36 -9.32 -18.99
N HIS B 193 16.49 -9.64 -18.37
CA HIS B 193 17.80 -9.18 -18.83
C HIS B 193 18.68 -10.34 -19.28
N ASN B 194 19.45 -10.12 -20.36
CA ASN B 194 20.41 -11.10 -20.89
C ASN B 194 21.83 -10.62 -20.62
N TRP B 195 22.51 -11.24 -19.64
CA TRP B 195 23.87 -10.87 -19.26
C TRP B 195 24.83 -10.93 -20.46
N SER B 196 24.80 -12.01 -21.25
CA SER B 196 25.81 -12.14 -22.28
C SER B 196 25.60 -11.14 -23.42
N THR B 197 24.36 -10.77 -23.72
CA THR B 197 24.16 -9.71 -24.71
C THR B 197 24.78 -8.38 -24.23
N MET B 198 24.62 -8.05 -22.94
CA MET B 198 25.23 -6.85 -22.40
C MET B 198 26.76 -6.92 -22.47
N VAL B 199 27.35 -8.02 -22.00
CA VAL B 199 28.80 -8.17 -22.03
C VAL B 199 29.34 -8.06 -23.45
N GLU B 200 28.65 -8.67 -24.43
CA GLU B 200 29.09 -8.55 -25.82
C GLU B 200 29.18 -7.08 -26.26
N GLY B 201 28.17 -6.27 -25.92
CA GLY B 201 28.18 -4.88 -26.33
C GLY B 201 29.23 -4.07 -25.61
N VAL B 202 29.40 -4.31 -24.30
CA VAL B 202 30.43 -3.62 -23.53
C VAL B 202 31.80 -3.94 -24.10
N GLN B 203 32.05 -5.22 -24.38
CA GLN B 203 33.36 -5.65 -24.86
C GLN B 203 33.65 -5.14 -26.26
N SER B 204 32.63 -4.97 -27.10
CA SER B 204 32.86 -4.37 -28.40
C SER B 204 33.30 -2.91 -28.27
N HIS B 205 32.71 -2.16 -27.33
CA HIS B 205 33.18 -0.79 -27.11
C HIS B 205 34.62 -0.78 -26.58
N ILE B 206 34.95 -1.64 -25.62
CA ILE B 206 36.32 -1.70 -25.11
C ILE B 206 37.29 -2.01 -26.24
N GLY B 207 36.92 -2.93 -27.13
CA GLY B 207 37.81 -3.26 -28.24
C GLY B 207 38.06 -2.10 -29.18
N SER B 208 37.08 -1.23 -29.36
CA SER B 208 37.31 -0.04 -30.16
C SER B 208 38.29 0.91 -29.48
N LEU B 209 38.31 0.94 -28.14
CA LEU B 209 39.28 1.78 -27.45
C LEU B 209 40.69 1.18 -27.52
N ASN B 210 40.82 -0.14 -27.36
CA ASN B 210 42.14 -0.79 -27.56
C ASN B 210 42.72 -0.40 -28.92
N TRP B 211 41.92 -0.55 -29.98
CA TRP B 211 42.37 -0.23 -31.33
C TRP B 211 42.69 1.24 -31.49
N GLY B 212 41.82 2.12 -30.96
CA GLY B 212 42.06 3.55 -31.07
C GLY B 212 43.37 4.00 -30.42
N TYR B 213 43.75 3.38 -29.31
CA TYR B 213 45.02 3.76 -28.69
C TYR B 213 46.21 3.30 -29.53
N LYS B 214 46.16 2.09 -30.08
CA LYS B 214 47.25 1.67 -30.96
C LYS B 214 47.38 2.58 -32.17
N VAL B 215 46.25 2.99 -32.76
CA VAL B 215 46.28 3.93 -33.87
C VAL B 215 46.86 5.28 -33.43
N ALA B 216 46.46 5.76 -32.25
CA ALA B 216 46.95 7.04 -31.76
C ALA B 216 48.48 7.03 -31.61
N LEU B 217 49.01 5.95 -31.03
CA LEU B 217 50.46 5.88 -30.82
C LEU B 217 51.21 5.83 -32.15
N ARG B 218 50.73 5.02 -33.10
CA ARG B 218 51.35 4.97 -34.42
C ARG B 218 51.35 6.35 -35.08
N ASP B 219 50.24 7.07 -34.99
CA ASP B 219 50.12 8.37 -35.65
C ASP B 219 50.91 9.48 -34.96
N ASN B 220 51.40 9.26 -33.73
CA ASN B 220 52.30 10.20 -33.07
C ASN B 220 53.76 9.75 -33.12
N GLN B 221 54.08 8.72 -33.91
CA GLN B 221 55.42 8.15 -34.03
C GLN B 221 55.94 7.63 -32.68
N VAL B 222 55.06 7.12 -31.83
CA VAL B 222 55.45 6.49 -30.57
C VAL B 222 55.63 5.00 -30.80
N THR B 223 56.74 4.43 -30.30
CA THR B 223 56.96 2.99 -30.39
C THR B 223 56.20 2.27 -29.29
N TYR B 224 55.25 1.41 -29.65
CA TYR B 224 54.48 0.60 -28.70
C TYR B 224 55.09 -0.80 -28.62
N LEU B 225 55.54 -1.19 -27.44
CA LEU B 225 56.05 -2.54 -27.18
C LEU B 225 55.12 -3.24 -26.21
N ASN B 226 54.51 -4.34 -26.65
CA ASN B 226 53.67 -5.18 -25.79
C ASN B 226 54.61 -6.14 -25.05
N ALA B 227 55.25 -5.61 -24.00
CA ALA B 227 56.31 -6.32 -23.29
C ALA B 227 56.35 -5.87 -21.84
N LYS B 228 56.79 -6.78 -20.97
CA LYS B 228 56.96 -6.46 -19.55
C LYS B 228 58.28 -5.74 -19.35
N GLY B 229 58.23 -4.57 -18.73
CA GLY B 229 59.41 -3.77 -18.46
C GLY B 229 59.88 -3.84 -17.03
N ARG B 230 61.20 -3.75 -16.84
CA ARG B 230 61.82 -3.71 -15.52
C ARG B 230 63.00 -2.75 -15.55
N LEU B 231 63.01 -1.79 -14.62
CA LEU B 231 64.07 -0.81 -14.54
C LEU B 231 65.23 -1.38 -13.73
N ILE B 232 66.36 -1.65 -14.40
CA ILE B 232 67.50 -2.29 -13.73
C ILE B 232 68.62 -1.31 -13.39
N SER B 233 68.65 -0.13 -14.00
CA SER B 233 69.53 0.96 -13.62
C SER B 233 68.83 2.25 -14.04
N PRO B 234 69.34 3.42 -13.60
CA PRO B 234 68.61 4.67 -13.89
C PRO B 234 68.22 4.88 -15.36
N HIS B 235 69.00 4.38 -16.31
CA HIS B 235 68.71 4.62 -17.73
C HIS B 235 68.45 3.35 -18.54
N GLU B 236 68.44 2.17 -17.91
CA GLU B 236 68.29 0.90 -18.62
C GLU B 236 67.00 0.20 -18.22
N VAL B 237 66.22 -0.21 -19.21
CA VAL B 237 64.97 -0.95 -19.01
C VAL B 237 65.11 -2.30 -19.68
N GLN B 238 65.04 -3.37 -18.88
CA GLN B 238 65.00 -4.72 -19.42
C GLN B 238 63.58 -5.09 -19.82
N ILE B 239 63.42 -5.60 -21.04
CA ILE B 239 62.10 -5.94 -21.56
C ILE B 239 62.04 -7.44 -21.85
N THR B 240 60.86 -8.01 -21.66
CA THR B 240 60.60 -9.42 -21.96
C THR B 240 59.34 -9.49 -22.80
N ASP B 241 59.44 -10.08 -24.00
CA ASP B 241 58.33 -10.08 -24.94
C ASP B 241 57.49 -11.35 -24.79
N LYS B 242 56.55 -11.54 -25.73
CA LYS B 242 55.58 -12.65 -25.67
C LYS B 242 56.22 -14.01 -25.86
N ASN B 243 57.49 -14.07 -26.27
CA ASN B 243 58.22 -15.34 -26.43
C ASN B 243 59.32 -15.50 -25.38
N GLN B 244 59.28 -14.74 -24.29
CA GLN B 244 60.31 -14.75 -23.25
C GLN B 244 61.66 -14.30 -23.76
N LYS B 245 61.71 -13.58 -24.88
CA LYS B 245 62.97 -13.01 -25.35
C LYS B 245 63.29 -11.76 -24.53
N VAL B 246 64.50 -11.71 -23.99
CA VAL B 246 64.92 -10.66 -23.07
C VAL B 246 65.93 -9.76 -23.76
N SER B 247 65.83 -8.45 -23.55
CA SER B 247 66.76 -7.49 -24.13
C SER B 247 66.70 -6.21 -23.31
N THR B 248 67.54 -5.23 -23.69
CA THR B 248 67.69 -4.00 -22.92
C THR B 248 67.61 -2.80 -23.85
N ILE B 249 66.80 -1.80 -23.45
CA ILE B 249 66.73 -0.52 -24.14
C ILE B 249 67.08 0.58 -23.14
N THR B 250 67.58 1.71 -23.66
CA THR B 250 68.01 2.82 -22.83
C THR B 250 67.20 4.07 -23.13
N GLY B 251 67.01 4.91 -22.10
CA GLY B 251 66.24 6.13 -22.25
C GLY B 251 66.77 7.21 -21.33
N ASN B 252 66.64 8.47 -21.78
CA ASN B 252 67.08 9.60 -20.97
C ASN B 252 66.17 9.78 -19.75
N LYS B 253 64.88 10.05 -19.99
CA LYS B 253 63.90 10.18 -18.93
C LYS B 253 63.03 8.93 -18.87
N ILE B 254 62.62 8.56 -17.66
CA ILE B 254 61.81 7.37 -17.40
C ILE B 254 60.56 7.80 -16.64
N ILE B 255 59.39 7.32 -17.07
CA ILE B 255 58.15 7.50 -16.32
C ILE B 255 57.61 6.15 -15.92
N LEU B 256 57.49 5.91 -14.61
CA LEU B 256 56.83 4.72 -14.09
C LEU B 256 55.33 5.00 -13.97
N ALA B 257 54.52 4.13 -14.57
CA ALA B 257 53.06 4.32 -14.63
C ALA B 257 52.34 2.98 -14.67
N THR B 258 52.73 2.04 -13.80
CA THR B 258 52.29 0.65 -13.85
C THR B 258 51.01 0.34 -13.05
N GLY B 259 50.45 1.29 -12.30
CA GLY B 259 49.15 1.01 -11.67
C GLY B 259 49.17 -0.07 -10.59
N GLU B 260 47.97 -0.62 -10.31
CA GLU B 260 47.72 -1.61 -9.25
C GLU B 260 46.87 -2.76 -9.77
N ARG B 261 46.68 -3.79 -8.93
CA ARG B 261 45.79 -4.91 -9.20
C ARG B 261 45.04 -5.29 -7.92
N PRO B 262 43.92 -6.04 -8.05
CA PRO B 262 43.14 -6.42 -6.85
C PRO B 262 43.89 -7.30 -5.86
N LYS B 263 43.61 -7.11 -4.57
CA LYS B 263 44.08 -8.00 -3.52
C LYS B 263 43.11 -9.16 -3.29
N TYR B 264 43.65 -10.29 -2.77
CA TYR B 264 42.85 -11.39 -2.21
C TYR B 264 43.13 -11.53 -0.72
N PRO B 265 42.13 -11.92 0.07
CA PRO B 265 42.40 -12.25 1.46
C PRO B 265 43.11 -13.60 1.59
N GLU B 266 43.93 -13.73 2.64
CA GLU B 266 44.72 -14.93 2.88
C GLU B 266 43.86 -15.99 3.57
N ILE B 267 42.99 -16.62 2.78
CA ILE B 267 42.12 -17.68 3.30
C ILE B 267 42.02 -18.78 2.27
N PRO B 268 41.76 -20.01 2.73
CA PRO B 268 41.70 -21.13 1.78
C PRO B 268 40.55 -20.95 0.80
N GLY B 269 40.83 -21.24 -0.47
CA GLY B 269 39.82 -21.24 -1.51
C GLY B 269 39.62 -19.91 -2.22
N ALA B 270 40.21 -18.82 -1.73
CA ALA B 270 39.92 -17.49 -2.28
C ALA B 270 40.45 -17.36 -3.70
N VAL B 271 41.74 -17.64 -3.91
CA VAL B 271 42.33 -17.52 -5.25
C VAL B 271 41.77 -18.58 -6.18
N GLU B 272 41.53 -19.80 -5.66
CA GLU B 272 41.09 -20.91 -6.49
C GLU B 272 39.66 -20.73 -7.00
N TYR B 273 38.75 -20.23 -6.16
CA TYR B 273 37.33 -20.32 -6.44
C TYR B 273 36.59 -18.99 -6.51
N GLY B 274 37.15 -17.90 -5.98
CA GLY B 274 36.57 -16.58 -6.13
C GLY B 274 37.08 -15.86 -7.38
N ILE B 275 36.54 -14.66 -7.61
CA ILE B 275 36.96 -13.79 -8.71
C ILE B 275 37.06 -12.35 -8.18
N THR B 276 37.58 -11.45 -9.01
CA THR B 276 37.64 -10.01 -8.70
C THR B 276 37.01 -9.21 -9.83
N SER B 277 37.01 -7.88 -9.68
CA SER B 277 36.54 -6.99 -10.74
C SER B 277 37.30 -7.21 -12.06
N ASP B 278 38.57 -7.66 -12.01
CA ASP B 278 39.31 -7.98 -13.24
C ASP B 278 38.58 -9.02 -14.09
N ASP B 279 37.90 -9.98 -13.45
CA ASP B 279 37.21 -11.04 -14.18
C ASP B 279 35.77 -10.70 -14.52
N LEU B 280 35.13 -9.83 -13.72
CA LEU B 280 33.68 -9.66 -13.82
C LEU B 280 33.26 -9.09 -15.17
N PHE B 281 34.02 -8.14 -15.71
CA PHE B 281 33.54 -7.35 -16.83
C PHE B 281 33.58 -8.09 -18.17
N SER B 282 34.23 -9.26 -18.25
CA SER B 282 34.18 -10.10 -19.44
C SER B 282 33.66 -11.51 -19.15
N LEU B 283 33.04 -11.71 -17.99
CA LEU B 283 32.60 -13.05 -17.57
C LEU B 283 31.61 -13.63 -18.57
N PRO B 284 31.83 -14.84 -19.09
CA PRO B 284 30.97 -15.35 -20.16
C PRO B 284 29.64 -15.91 -19.69
N TYR B 285 29.42 -16.06 -18.38
CA TYR B 285 28.14 -16.50 -17.82
C TYR B 285 27.65 -15.48 -16.80
N PHE B 286 26.32 -15.41 -16.63
CA PHE B 286 25.76 -14.61 -15.54
C PHE B 286 26.27 -15.15 -14.20
N PRO B 287 26.72 -14.29 -13.28
CA PRO B 287 27.25 -14.77 -12.01
C PRO B 287 26.26 -15.57 -11.15
N GLY B 288 24.96 -15.36 -11.34
CA GLY B 288 23.98 -16.04 -10.50
C GLY B 288 23.91 -15.43 -9.10
N LYS B 289 23.52 -16.25 -8.13
CA LYS B 289 23.54 -15.81 -6.73
C LYS B 289 24.98 -15.50 -6.30
N THR B 290 25.19 -14.24 -5.87
CA THR B 290 26.53 -13.66 -5.74
C THR B 290 26.77 -13.10 -4.34
N LEU B 291 27.97 -13.33 -3.82
CA LEU B 291 28.47 -12.70 -2.60
C LEU B 291 29.60 -11.75 -2.95
N VAL B 292 29.47 -10.47 -2.56
CA VAL B 292 30.55 -9.50 -2.65
C VAL B 292 31.16 -9.32 -1.26
N ILE B 293 32.47 -9.61 -1.14
CA ILE B 293 33.21 -9.41 0.10
C ILE B 293 34.00 -8.10 0.01
N GLY B 294 33.69 -7.15 0.90
CA GLY B 294 34.29 -5.83 0.91
C GLY B 294 33.23 -4.73 0.89
N ALA B 295 33.70 -3.49 1.09
CA ALA B 295 32.78 -2.37 1.23
C ALA B 295 33.34 -1.06 0.66
N SER B 296 34.31 -1.14 -0.26
CA SER B 296 34.82 -0.01 -1.02
C SER B 296 33.80 0.42 -2.08
N TYR B 297 34.12 1.51 -2.79
CA TYR B 297 33.23 1.93 -3.86
C TYR B 297 33.14 0.87 -4.96
N VAL B 298 34.23 0.11 -5.20
CA VAL B 298 34.15 -0.98 -6.16
C VAL B 298 33.14 -2.02 -5.70
N ALA B 299 33.22 -2.43 -4.43
CA ALA B 299 32.28 -3.42 -3.90
C ALA B 299 30.84 -2.97 -4.08
N LEU B 300 30.53 -1.74 -3.68
CA LEU B 300 29.14 -1.28 -3.67
C LEU B 300 28.63 -1.02 -5.10
N GLU B 301 29.47 -0.45 -5.95
CA GLU B 301 29.06 -0.24 -7.34
C GLU B 301 28.69 -1.56 -8.02
N CYS B 302 29.51 -2.60 -7.84
CA CYS B 302 29.26 -3.89 -8.50
C CYS B 302 28.04 -4.59 -7.94
N ALA B 303 27.92 -4.62 -6.60
CA ALA B 303 26.74 -5.18 -5.98
C ALA B 303 25.47 -4.49 -6.47
N GLY B 304 25.53 -3.16 -6.60
CA GLY B 304 24.36 -2.39 -6.99
C GLY B 304 23.83 -2.73 -8.37
N PHE B 305 24.71 -2.76 -9.39
CA PHE B 305 24.18 -3.06 -10.71
C PHE B 305 23.82 -4.54 -10.85
N LEU B 306 24.52 -5.45 -10.15
CA LEU B 306 24.08 -6.84 -10.21
C LEU B 306 22.67 -7.01 -9.65
N ALA B 307 22.34 -6.30 -8.57
CA ALA B 307 20.98 -6.37 -8.03
C ALA B 307 19.97 -5.75 -8.99
N SER B 308 20.32 -4.64 -9.65
CA SER B 308 19.38 -4.02 -10.58
C SER B 308 19.11 -4.86 -11.83
N LEU B 309 20.04 -5.73 -12.21
CA LEU B 309 19.88 -6.62 -13.34
C LEU B 309 19.14 -7.90 -12.96
N GLY B 310 18.58 -7.96 -11.77
CA GLY B 310 17.79 -9.10 -11.33
C GLY B 310 18.53 -10.14 -10.51
N GLY B 311 19.74 -9.85 -10.06
CA GLY B 311 20.49 -10.84 -9.31
C GLY B 311 20.15 -10.87 -7.82
N ASP B 312 20.51 -12.01 -7.21
CA ASP B 312 20.40 -12.24 -5.77
C ASP B 312 21.77 -11.93 -5.16
N VAL B 313 21.91 -10.76 -4.54
CA VAL B 313 23.22 -10.22 -4.16
C VAL B 313 23.30 -9.98 -2.66
N THR B 314 24.41 -10.41 -2.06
CA THR B 314 24.75 -10.16 -0.66
C THR B 314 26.13 -9.50 -0.57
N VAL B 315 26.26 -8.52 0.31
CA VAL B 315 27.53 -7.84 0.58
C VAL B 315 27.96 -8.15 2.00
N MET B 316 29.20 -8.59 2.18
CA MET B 316 29.76 -8.92 3.50
C MET B 316 30.68 -7.80 3.97
N VAL B 317 30.30 -7.12 5.05
CA VAL B 317 30.96 -5.89 5.49
C VAL B 317 31.73 -6.14 6.79
N ARG B 318 33.05 -5.93 6.76
CA ARG B 318 33.88 -6.17 7.94
C ARG B 318 33.60 -5.15 9.05
N SER B 319 33.53 -3.86 8.69
CA SER B 319 33.25 -2.81 9.67
C SER B 319 32.25 -1.79 9.15
N ILE B 320 32.70 -0.82 8.33
CA ILE B 320 31.84 0.26 7.85
C ILE B 320 31.83 0.26 6.31
N LEU B 321 30.88 1.03 5.75
CA LEU B 321 30.84 1.27 4.30
C LEU B 321 31.70 2.48 3.92
N LEU B 322 32.39 2.38 2.78
CA LEU B 322 33.07 3.54 2.17
C LEU B 322 34.00 4.25 3.16
N ARG B 323 34.85 3.48 3.85
CA ARG B 323 35.83 4.09 4.75
C ARG B 323 36.61 5.18 4.04
N GLY B 324 36.74 6.34 4.69
CA GLY B 324 37.39 7.50 4.10
C GLY B 324 36.46 8.52 3.48
N PHE B 325 35.22 8.14 3.17
CA PHE B 325 34.17 9.07 2.73
C PHE B 325 33.31 9.51 3.92
N ASP B 326 32.63 10.66 3.75
CA ASP B 326 31.65 11.17 4.74
C ASP B 326 30.70 10.07 5.19
N GLN B 327 30.70 9.77 6.49
CA GLN B 327 29.97 8.58 6.92
C GLN B 327 28.46 8.77 7.01
N GLN B 328 27.95 10.00 7.18
CA GLN B 328 26.52 10.20 7.05
C GLN B 328 26.08 9.86 5.64
N MET B 329 26.87 10.27 4.65
CA MET B 329 26.50 10.06 3.27
C MET B 329 26.60 8.57 2.93
N ALA B 330 27.64 7.91 3.44
CA ALA B 330 27.82 6.49 3.17
C ALA B 330 26.67 5.67 3.73
N GLU B 331 26.16 6.05 4.91
CA GLU B 331 25.04 5.31 5.48
C GLU B 331 23.77 5.54 4.66
N LYS B 332 23.58 6.74 4.10
CA LYS B 332 22.43 6.95 3.24
C LYS B 332 22.54 6.14 1.95
N VAL B 333 23.75 6.04 1.38
CA VAL B 333 23.97 5.20 0.20
C VAL B 333 23.57 3.76 0.48
N GLY B 334 24.03 3.23 1.63
CA GLY B 334 23.79 1.84 1.94
C GLY B 334 22.33 1.56 2.29
N ASP B 335 21.67 2.48 2.98
CA ASP B 335 20.26 2.30 3.29
C ASP B 335 19.42 2.24 2.01
N TYR B 336 19.75 3.07 1.01
CA TYR B 336 19.01 3.00 -0.25
C TYR B 336 19.18 1.64 -0.91
N MET B 337 20.42 1.12 -0.93
CA MET B 337 20.70 -0.18 -1.53
C MET B 337 19.93 -1.30 -0.84
N GLU B 338 19.89 -1.29 0.49
CA GLU B 338 19.18 -2.32 1.25
C GLU B 338 17.67 -2.27 1.01
N ASN B 339 17.12 -1.06 0.85
CA ASN B 339 15.70 -0.95 0.57
C ASN B 339 15.35 -1.39 -0.84
N HIS B 340 16.33 -1.42 -1.74
CA HIS B 340 16.12 -1.77 -3.14
C HIS B 340 16.80 -3.09 -3.54
N GLY B 341 16.88 -4.03 -2.61
CA GLY B 341 17.18 -5.42 -2.97
C GLY B 341 18.52 -5.97 -2.55
N VAL B 342 19.50 -5.15 -2.19
CA VAL B 342 20.81 -5.67 -1.80
C VAL B 342 20.76 -6.13 -0.34
N LYS B 343 21.16 -7.37 -0.08
CA LYS B 343 21.29 -7.86 1.30
C LYS B 343 22.69 -7.61 1.85
N PHE B 344 22.76 -7.32 3.15
CA PHE B 344 24.02 -7.02 3.82
C PHE B 344 24.25 -7.96 5.00
N ALA B 345 25.44 -8.58 5.04
CA ALA B 345 25.90 -9.32 6.23
C ALA B 345 26.88 -8.43 6.97
N LYS B 346 26.42 -7.80 8.05
CA LYS B 346 27.15 -6.73 8.72
C LYS B 346 28.06 -7.27 9.83
N LEU B 347 29.18 -6.58 10.05
CA LEU B 347 30.21 -6.95 11.02
C LEU B 347 30.62 -8.43 10.88
N CYS B 348 31.05 -8.79 9.67
CA CYS B 348 31.27 -10.19 9.29
C CYS B 348 32.50 -10.31 8.39
N VAL B 349 33.27 -11.39 8.55
CA VAL B 349 34.44 -11.65 7.71
C VAL B 349 34.42 -13.11 7.27
N PRO B 350 35.09 -13.43 6.16
CA PRO B 350 35.12 -14.82 5.69
C PRO B 350 36.30 -15.61 6.23
N ASP B 351 36.09 -16.92 6.40
CA ASP B 351 37.14 -17.83 6.84
C ASP B 351 37.63 -18.81 5.80
N GLU B 352 36.76 -19.30 4.90
CA GLU B 352 37.16 -20.21 3.83
C GLU B 352 36.06 -20.28 2.78
N ILE B 353 36.46 -20.62 1.56
CA ILE B 353 35.56 -20.88 0.43
C ILE B 353 35.76 -22.34 0.02
N LYS B 354 34.69 -23.13 0.04
CA LYS B 354 34.75 -24.52 -0.40
C LYS B 354 34.04 -24.69 -1.73
N GLN B 355 34.58 -25.54 -2.60
CA GLN B 355 33.99 -25.79 -3.89
C GLN B 355 33.01 -26.95 -3.82
N LEU B 356 31.78 -26.71 -4.28
CA LEU B 356 30.76 -27.75 -4.37
C LEU B 356 30.51 -28.23 -5.81
N LYS B 357 30.63 -27.33 -6.78
CA LYS B 357 30.54 -27.66 -8.20
C LYS B 357 31.57 -26.83 -8.95
N VAL B 358 32.24 -27.46 -9.92
CA VAL B 358 33.18 -26.78 -10.80
C VAL B 358 32.40 -25.99 -11.84
N VAL B 359 32.99 -24.86 -12.27
CA VAL B 359 32.39 -24.05 -13.34
C VAL B 359 32.21 -24.88 -14.60
N ASP B 360 31.04 -24.77 -15.23
CA ASP B 360 30.73 -25.53 -16.45
C ASP B 360 30.99 -24.60 -17.64
N THR B 361 32.21 -24.69 -18.20
CA THR B 361 32.61 -23.77 -19.25
C THR B 361 31.90 -24.06 -20.58
N GLU B 362 31.57 -25.32 -20.86
CA GLU B 362 30.92 -25.63 -22.13
C GLU B 362 29.50 -25.09 -22.16
N ASN B 363 28.70 -25.41 -21.16
CA ASN B 363 27.30 -25.00 -21.11
C ASN B 363 27.10 -23.62 -20.50
N ASN B 364 28.19 -22.91 -20.19
CA ASN B 364 28.15 -21.49 -19.83
C ASN B 364 27.36 -21.26 -18.54
N LYS B 365 27.76 -21.97 -17.48
CA LYS B 365 27.12 -21.92 -16.18
C LYS B 365 28.17 -21.75 -15.10
N PRO B 366 27.87 -21.00 -14.04
CA PRO B 366 28.78 -20.92 -12.91
C PRO B 366 28.80 -22.23 -12.13
N GLY B 367 29.73 -22.32 -11.20
CA GLY B 367 29.79 -23.43 -10.26
C GLY B 367 28.93 -23.18 -9.05
N LEU B 368 29.34 -23.74 -7.91
CA LEU B 368 28.61 -23.61 -6.66
C LEU B 368 29.60 -23.71 -5.51
N LEU B 369 29.48 -22.81 -4.53
CA LEU B 369 30.48 -22.60 -3.50
C LEU B 369 29.82 -22.52 -2.13
N LEU B 370 30.53 -22.99 -1.11
CA LEU B 370 30.10 -22.84 0.28
C LEU B 370 31.02 -21.84 0.98
N VAL B 371 30.46 -20.75 1.50
CA VAL B 371 31.25 -19.73 2.17
C VAL B 371 31.02 -19.85 3.67
N LYS B 372 32.11 -19.98 4.44
CA LYS B 372 32.06 -20.06 5.89
C LYS B 372 32.78 -18.86 6.48
N GLY B 373 32.18 -18.22 7.47
CA GLY B 373 32.77 -17.07 8.12
C GLY B 373 32.19 -16.89 9.50
N HIS B 374 32.48 -15.73 10.10
CA HIS B 374 32.00 -15.47 11.46
C HIS B 374 31.78 -13.98 11.69
N TYR B 375 30.80 -13.68 12.54
CA TYR B 375 30.49 -12.32 12.95
C TYR B 375 31.38 -11.88 14.12
N THR B 376 31.36 -10.57 14.41
CA THR B 376 32.39 -9.93 15.24
C THR B 376 32.26 -10.25 16.72
N ASP B 377 31.09 -10.68 17.18
CA ASP B 377 30.91 -11.06 18.57
C ASP B 377 31.33 -12.51 18.82
N GLY B 378 31.37 -13.33 17.76
CA GLY B 378 31.74 -14.73 17.84
C GLY B 378 30.91 -15.65 16.97
N LYS B 379 29.69 -15.22 16.64
CA LYS B 379 28.70 -16.05 15.94
C LYS B 379 29.14 -16.33 14.48
N LYS B 380 28.50 -17.31 13.85
CA LYS B 380 28.96 -17.96 12.63
C LYS B 380 28.13 -17.60 11.39
N PHE B 381 28.75 -17.76 10.22
CA PHE B 381 28.17 -17.54 8.89
C PHE B 381 28.38 -18.76 8.01
N GLU B 382 27.32 -19.22 7.34
CA GLU B 382 27.48 -20.32 6.38
C GLU B 382 26.34 -20.29 5.37
N GLU B 383 26.68 -20.10 4.10
CA GLU B 383 25.71 -19.96 3.03
C GLU B 383 26.35 -20.32 1.69
N GLU B 384 25.52 -20.80 0.76
CA GLU B 384 25.98 -21.18 -0.58
C GLU B 384 25.78 -20.04 -1.57
N PHE B 385 26.75 -19.90 -2.48
CA PHE B 385 26.70 -18.90 -3.55
C PHE B 385 27.23 -19.52 -4.84
N GLU B 386 26.76 -18.99 -5.98
CA GLU B 386 27.30 -19.43 -7.26
C GLU B 386 28.59 -18.68 -7.64
N THR B 387 28.71 -17.41 -7.25
CA THR B 387 29.88 -16.59 -7.53
C THR B 387 30.26 -15.82 -6.28
N VAL B 388 31.57 -15.71 -6.01
CA VAL B 388 32.08 -14.91 -4.89
C VAL B 388 33.07 -13.89 -5.44
N ILE B 389 32.79 -12.60 -5.24
CA ILE B 389 33.65 -11.51 -5.74
C ILE B 389 34.38 -10.84 -4.58
N PHE B 390 35.71 -10.80 -4.66
CA PHE B 390 36.52 -10.12 -3.65
C PHE B 390 36.80 -8.69 -4.10
N ALA B 391 36.42 -7.70 -3.27
CA ALA B 391 36.78 -6.29 -3.47
C ALA B 391 37.33 -5.75 -2.16
N VAL B 392 38.56 -6.14 -1.82
CA VAL B 392 39.16 -5.80 -0.52
C VAL B 392 40.41 -4.95 -0.68
N GLY B 393 40.44 -4.11 -1.71
CA GLY B 393 41.55 -3.20 -1.93
C GLY B 393 42.42 -3.62 -3.10
N ARG B 394 43.34 -2.72 -3.45
CA ARG B 394 44.23 -2.83 -4.61
C ARG B 394 45.65 -2.45 -4.17
N GLU B 395 46.65 -3.03 -4.84
CA GLU B 395 48.04 -2.73 -4.46
C GLU B 395 48.94 -2.80 -5.67
N PRO B 396 50.06 -2.09 -5.66
CA PRO B 396 51.05 -2.21 -6.73
C PRO B 396 51.99 -3.36 -6.38
N GLN B 397 52.78 -3.76 -7.35
CA GLN B 397 53.79 -4.79 -7.11
C GLN B 397 55.07 -4.31 -7.76
N LEU B 398 55.63 -3.24 -7.19
CA LEU B 398 56.77 -2.58 -7.80
C LEU B 398 58.04 -3.39 -7.69
N SER B 399 58.08 -4.38 -6.79
CA SER B 399 59.20 -5.32 -6.77
C SER B 399 59.40 -5.97 -8.13
N LYS B 400 58.30 -6.21 -8.87
CA LYS B 400 58.42 -6.75 -10.22
C LYS B 400 59.00 -5.71 -11.18
N VAL B 401 58.60 -4.45 -11.02
CA VAL B 401 58.89 -3.42 -11.99
C VAL B 401 60.26 -2.80 -11.79
N LEU B 402 60.80 -2.85 -10.58
CA LEU B 402 61.85 -1.94 -10.13
C LEU B 402 62.87 -2.70 -9.30
N CYS B 403 64.13 -2.70 -9.75
CA CYS B 403 65.19 -3.32 -8.97
C CYS B 403 65.59 -2.40 -7.82
N GLU B 404 65.70 -2.96 -6.61
CA GLU B 404 66.00 -2.14 -5.44
C GLU B 404 67.37 -1.46 -5.53
N THR B 405 68.27 -1.97 -6.38
CA THR B 405 69.59 -1.33 -6.50
C THR B 405 69.53 -0.01 -7.25
N VAL B 406 68.46 0.28 -7.98
CA VAL B 406 68.38 1.55 -8.70
C VAL B 406 68.31 2.71 -7.73
N GLY B 407 67.65 2.53 -6.59
CA GLY B 407 67.60 3.55 -5.57
C GLY B 407 66.32 4.37 -5.50
N VAL B 408 65.22 3.87 -6.04
CA VAL B 408 63.94 4.59 -5.99
C VAL B 408 63.26 4.28 -4.66
N LYS B 409 63.01 5.32 -3.86
CA LYS B 409 62.44 5.16 -2.53
C LYS B 409 60.95 4.85 -2.58
N LEU B 410 60.51 3.85 -1.82
CA LEU B 410 59.09 3.50 -1.65
C LEU B 410 58.66 3.77 -0.22
N ASP B 411 57.35 3.84 0.01
CA ASP B 411 56.82 4.00 1.36
C ASP B 411 56.41 2.64 1.92
N LYS B 412 55.84 2.67 3.13
CA LYS B 412 55.48 1.43 3.82
C LYS B 412 54.44 0.61 3.07
N ASN B 413 53.60 1.26 2.27
CA ASN B 413 52.61 0.57 1.45
C ASN B 413 53.16 0.14 0.10
N GLY B 414 54.42 0.45 -0.22
CA GLY B 414 54.96 0.07 -1.51
C GLY B 414 54.70 1.04 -2.64
N ARG B 415 54.30 2.27 -2.35
CA ARG B 415 54.12 3.28 -3.38
C ARG B 415 55.34 4.22 -3.44
N VAL B 416 55.47 4.93 -4.57
CA VAL B 416 56.68 5.71 -4.84
C VAL B 416 56.58 7.08 -4.18
N VAL B 417 57.65 7.46 -3.47
CA VAL B 417 57.72 8.76 -2.81
C VAL B 417 58.23 9.81 -3.80
N CYS B 418 57.42 10.84 -4.07
CA CYS B 418 57.72 11.80 -5.13
C CYS B 418 57.68 13.24 -4.62
N THR B 419 58.43 14.11 -5.31
CA THR B 419 58.32 15.54 -5.13
C THR B 419 57.05 16.07 -5.77
N ASP B 420 56.78 17.37 -5.58
CA ASP B 420 55.55 17.92 -6.12
C ASP B 420 55.60 18.12 -7.64
N ASP B 421 56.71 17.76 -8.29
CA ASP B 421 56.79 17.68 -9.74
C ASP B 421 56.98 16.24 -10.22
N GLU B 422 56.56 15.25 -9.41
CA GLU B 422 56.54 13.81 -9.69
C GLU B 422 57.92 13.17 -9.77
N GLN B 423 58.99 13.85 -9.34
CA GLN B 423 60.34 13.29 -9.41
C GLN B 423 60.57 12.31 -8.26
N THR B 424 61.22 11.18 -8.58
CA THR B 424 61.58 10.19 -7.56
C THR B 424 62.90 10.61 -6.91
N THR B 425 63.47 9.72 -6.09
CA THR B 425 64.79 9.95 -5.52
C THR B 425 65.93 9.74 -6.51
N VAL B 426 65.63 9.27 -7.72
CA VAL B 426 66.60 9.18 -8.81
C VAL B 426 66.21 10.23 -9.84
N SER B 427 67.19 11.06 -10.23
CA SER B 427 66.91 12.38 -10.78
C SER B 427 66.17 12.33 -12.12
N ASN B 428 66.39 11.30 -12.93
CA ASN B 428 65.79 11.21 -14.27
C ASN B 428 64.54 10.34 -14.32
N VAL B 429 64.07 9.85 -13.16
CA VAL B 429 62.97 8.91 -13.05
C VAL B 429 61.79 9.58 -12.33
N TYR B 430 60.58 9.39 -12.88
CA TYR B 430 59.36 10.01 -12.38
C TYR B 430 58.29 8.94 -12.23
N ALA B 431 57.25 9.24 -11.44
CA ALA B 431 56.15 8.30 -11.25
C ALA B 431 54.83 9.06 -11.27
N ILE B 432 53.82 8.49 -11.93
CA ILE B 432 52.50 9.13 -12.05
C ILE B 432 51.40 8.10 -11.79
N GLY B 433 50.19 8.60 -11.50
CA GLY B 433 49.05 7.71 -11.37
C GLY B 433 48.94 7.03 -10.01
N ASP B 434 48.39 5.81 -10.00
CA ASP B 434 48.01 5.17 -8.74
C ASP B 434 49.23 4.82 -7.87
N ILE B 435 50.44 4.70 -8.45
CA ILE B 435 51.61 4.34 -7.65
C ILE B 435 52.31 5.55 -7.03
N ASN B 436 51.87 6.77 -7.32
CA ASN B 436 52.45 7.97 -6.70
C ASN B 436 51.85 8.12 -5.30
N ALA B 437 52.68 7.97 -4.26
CA ALA B 437 52.17 7.89 -2.90
C ALA B 437 51.43 9.16 -2.47
N GLY B 438 50.31 8.98 -1.78
CA GLY B 438 49.56 10.07 -1.20
C GLY B 438 48.61 10.81 -2.13
N LYS B 439 48.54 10.43 -3.46
CA LYS B 439 47.72 11.14 -4.44
C LYS B 439 46.37 10.45 -4.62
N PRO B 440 45.32 11.19 -4.99
CA PRO B 440 44.03 10.56 -5.27
C PRO B 440 44.16 9.62 -6.46
N GLN B 441 43.57 8.43 -6.32
CA GLN B 441 43.77 7.36 -7.30
C GLN B 441 42.59 7.39 -8.26
N LEU B 442 42.67 8.29 -9.24
CA LEU B 442 41.58 8.60 -10.17
C LEU B 442 42.13 8.81 -11.57
N THR B 443 41.34 8.42 -12.58
CA THR B 443 41.82 8.50 -13.95
C THR B 443 42.12 9.92 -14.41
N PRO B 444 41.27 10.93 -14.21
CA PRO B 444 41.63 12.28 -14.69
C PRO B 444 42.83 12.88 -13.94
N VAL B 445 43.10 12.46 -12.70
CA VAL B 445 44.33 12.89 -12.02
C VAL B 445 45.55 12.32 -12.75
N ALA B 446 45.52 11.02 -13.08
CA ALA B 446 46.66 10.40 -13.77
C ALA B 446 46.93 11.05 -15.13
N ILE B 447 45.86 11.41 -15.87
CA ILE B 447 46.01 12.03 -17.17
C ILE B 447 46.61 13.44 -17.04
N GLN B 448 46.13 14.24 -16.10
CA GLN B 448 46.66 15.59 -15.91
C GLN B 448 48.13 15.55 -15.48
N ALA B 449 48.47 14.66 -14.54
CA ALA B 449 49.87 14.53 -14.11
C ALA B 449 50.77 14.20 -15.30
N GLY B 450 50.38 13.21 -16.10
CA GLY B 450 51.21 12.78 -17.21
C GLY B 450 51.38 13.83 -18.29
N ARG B 451 50.29 14.51 -18.67
CA ARG B 451 50.40 15.54 -19.70
C ARG B 451 51.20 16.74 -19.21
N TYR B 452 50.93 17.19 -17.97
CA TYR B 452 51.66 18.34 -17.44
C TYR B 452 53.15 18.02 -17.26
N LEU B 453 53.49 16.80 -16.84
CA LEU B 453 54.89 16.41 -16.69
C LEU B 453 55.61 16.41 -18.04
N ALA B 454 54.99 15.81 -19.07
CA ALA B 454 55.59 15.81 -20.41
C ALA B 454 55.91 17.22 -20.89
N ARG B 455 55.05 18.19 -20.58
CA ARG B 455 55.28 19.56 -21.04
C ARG B 455 56.45 20.21 -20.29
N ARG B 456 56.60 19.91 -19.00
CA ARG B 456 57.75 20.45 -18.28
C ARG B 456 59.05 19.85 -18.79
N LEU B 457 59.06 18.55 -19.10
CA LEU B 457 60.30 17.90 -19.52
C LEU B 457 60.73 18.34 -20.91
N PHE B 458 59.78 18.49 -21.85
CA PHE B 458 60.14 18.60 -23.25
C PHE B 458 59.71 19.91 -23.92
N ALA B 459 58.97 20.78 -23.22
CA ALA B 459 58.57 22.05 -23.81
C ALA B 459 58.86 23.25 -22.91
N GLY B 460 59.61 23.05 -21.82
CA GLY B 460 59.93 24.16 -20.93
C GLY B 460 58.77 24.71 -20.13
N ALA B 461 57.69 23.96 -19.99
CA ALA B 461 56.57 24.43 -19.18
C ALA B 461 56.96 24.46 -17.70
N THR B 462 56.18 25.21 -16.92
CA THR B 462 56.38 25.30 -15.48
C THR B 462 55.18 24.84 -14.65
N GLU B 463 54.00 24.66 -15.25
CA GLU B 463 52.78 24.38 -14.48
C GLU B 463 52.84 23.02 -13.79
N LEU B 464 52.48 23.00 -12.51
CA LEU B 464 52.37 21.77 -11.72
C LEU B 464 50.92 21.30 -11.67
N THR B 465 50.74 20.00 -11.39
CA THR B 465 49.41 19.45 -11.14
C THR B 465 48.95 19.79 -9.72
N ASP B 466 47.69 20.24 -9.58
CA ASP B 466 47.10 20.55 -8.27
C ASP B 466 46.24 19.37 -7.83
N TYR B 467 46.64 18.72 -6.73
CA TYR B 467 45.96 17.52 -6.25
C TYR B 467 44.91 17.79 -5.15
N SER B 468 44.62 19.07 -4.85
CA SER B 468 43.71 19.38 -3.74
C SER B 468 42.27 19.51 -4.22
N ASN B 469 41.34 19.14 -3.34
CA ASN B 469 39.89 19.29 -3.59
C ASN B 469 39.47 18.67 -4.92
N VAL B 470 39.98 17.47 -5.21
CA VAL B 470 39.57 16.76 -6.44
C VAL B 470 38.22 16.09 -6.22
N ALA B 471 37.23 16.44 -7.05
CA ALA B 471 35.88 15.90 -6.91
C ALA B 471 35.80 14.41 -7.28
N THR B 472 34.81 13.72 -6.69
CA THR B 472 34.60 12.28 -6.88
C THR B 472 33.12 12.00 -7.13
N THR B 473 32.83 10.85 -7.72
CA THR B 473 31.46 10.33 -7.75
C THR B 473 31.47 8.81 -7.62
N VAL B 474 30.66 8.29 -6.68
CA VAL B 474 30.43 6.87 -6.49
C VAL B 474 29.14 6.50 -7.24
N PHE B 475 29.24 5.60 -8.21
CA PHE B 475 28.11 5.28 -9.10
C PHE B 475 27.33 4.06 -8.58
N THR B 476 26.90 4.18 -7.31
CA THR B 476 25.89 3.30 -6.72
C THR B 476 24.50 3.56 -7.33
N PRO B 477 23.52 2.66 -7.11
CA PRO B 477 22.21 2.82 -7.75
C PRO B 477 21.61 4.21 -7.61
N LEU B 478 21.73 4.80 -6.42
CA LEU B 478 21.58 6.24 -6.24
C LEU B 478 22.99 6.80 -6.07
N GLU B 479 23.39 7.71 -6.96
CA GLU B 479 24.79 8.15 -7.05
C GLU B 479 25.13 9.16 -5.94
N TYR B 480 26.42 9.20 -5.57
CA TYR B 480 26.92 10.08 -4.50
C TYR B 480 28.13 10.88 -5.00
N GLY B 481 27.95 12.21 -5.15
CA GLY B 481 29.02 13.08 -5.61
C GLY B 481 29.54 13.95 -4.47
N ALA B 482 30.85 14.26 -4.49
CA ALA B 482 31.45 15.04 -3.42
C ALA B 482 32.64 15.85 -3.92
N CYS B 483 32.90 17.00 -3.28
CA CYS B 483 34.10 17.77 -3.55
C CYS B 483 34.54 18.44 -2.24
N GLY B 484 35.74 18.10 -1.76
CA GLY B 484 36.27 18.67 -0.52
C GLY B 484 36.14 17.79 0.70
N LEU B 485 36.12 18.40 1.89
CA LEU B 485 36.16 17.65 3.15
C LEU B 485 34.82 17.02 3.50
N SER B 486 34.88 15.81 4.10
CA SER B 486 33.73 15.28 4.82
C SER B 486 33.44 16.16 6.04
N GLU B 487 32.21 16.04 6.57
CA GLU B 487 31.82 16.81 7.73
C GLU B 487 32.67 16.46 8.95
N GLU B 488 32.94 15.17 9.17
CA GLU B 488 33.75 14.79 10.33
C GLU B 488 35.18 15.29 10.20
N ASP B 489 35.76 15.28 8.98
CA ASP B 489 37.12 15.80 8.82
C ASP B 489 37.19 17.31 9.06
N ALA B 490 36.15 18.05 8.66
CA ALA B 490 36.13 19.49 8.91
C ALA B 490 36.03 19.80 10.40
N ILE B 491 35.17 19.05 11.11
CA ILE B 491 35.01 19.27 12.56
C ILE B 491 36.29 18.93 13.30
N GLU B 492 36.96 17.85 12.89
CA GLU B 492 38.24 17.49 13.49
C GLU B 492 39.28 18.58 13.28
N LYS B 493 39.35 19.14 12.08
CA LYS B 493 40.41 20.09 11.72
C LYS B 493 40.20 21.45 12.38
N TYR B 494 38.94 21.91 12.50
CA TYR B 494 38.65 23.27 12.92
C TYR B 494 37.85 23.38 14.22
N GLY B 495 37.27 22.30 14.71
CA GLY B 495 36.42 22.37 15.88
C GLY B 495 34.95 22.61 15.57
N ASP B 496 34.05 21.98 16.34
CA ASP B 496 32.62 22.02 16.02
C ASP B 496 32.05 23.44 16.03
N LYS B 497 32.51 24.31 16.93
CA LYS B 497 31.92 25.63 16.97
C LYS B 497 32.32 26.52 15.80
N ASP B 498 33.31 26.14 15.00
CA ASP B 498 33.70 26.89 13.82
C ASP B 498 33.09 26.32 12.54
N ILE B 499 32.20 25.32 12.62
CA ILE B 499 31.67 24.64 11.44
C ILE B 499 30.15 24.86 11.41
N GLU B 500 29.64 25.29 10.25
CA GLU B 500 28.21 25.41 10.01
C GLU B 500 27.86 24.53 8.81
N VAL B 501 26.77 23.76 8.92
CA VAL B 501 26.36 22.81 7.86
C VAL B 501 24.95 23.18 7.41
N TYR B 502 24.79 23.55 6.12
CA TYR B 502 23.48 23.82 5.52
C TYR B 502 23.04 22.56 4.77
N HIS B 503 21.76 22.18 4.89
CA HIS B 503 21.36 20.91 4.27
C HIS B 503 19.88 20.90 3.91
N SER B 504 19.51 19.96 3.02
CA SER B 504 18.12 19.79 2.60
C SER B 504 17.91 18.45 1.90
N ASN B 505 16.77 17.81 2.16
CA ASN B 505 16.30 16.76 1.24
C ASN B 505 15.77 17.41 -0.04
N PHE B 506 15.64 16.60 -1.10
CA PHE B 506 14.97 17.04 -2.32
C PHE B 506 14.36 15.83 -3.04
N LYS B 507 13.44 16.13 -3.95
CA LYS B 507 12.80 15.11 -4.79
C LYS B 507 12.97 15.54 -6.24
N PRO B 508 13.60 14.73 -7.10
CA PRO B 508 13.65 15.05 -8.53
C PRO B 508 12.24 15.19 -9.10
N LEU B 509 12.02 16.20 -9.95
CA LEU B 509 10.71 16.32 -10.60
C LEU B 509 10.34 15.04 -11.36
N GLU B 510 11.33 14.41 -11.99
CA GLU B 510 11.10 13.14 -12.68
C GLU B 510 10.55 12.03 -11.76
N TRP B 511 10.74 12.13 -10.44
CA TRP B 511 10.25 11.10 -9.53
C TRP B 511 8.81 11.31 -9.08
N THR B 512 8.17 12.44 -9.41
CA THR B 512 6.84 12.73 -8.90
C THR B 512 5.80 11.84 -9.57
N VAL B 513 5.67 11.94 -10.90
CA VAL B 513 4.71 11.12 -11.64
C VAL B 513 5.06 9.64 -11.52
N ALA B 514 6.33 9.32 -11.28
CA ALA B 514 6.72 7.92 -11.16
C ALA B 514 6.54 7.34 -9.75
N HIS B 515 6.05 8.13 -8.78
CA HIS B 515 5.77 7.63 -7.42
C HIS B 515 7.00 7.05 -6.73
N ARG B 516 8.15 7.70 -6.88
CA ARG B 516 9.35 7.32 -6.14
C ARG B 516 9.42 8.11 -4.81
N GLU B 517 10.48 7.90 -4.03
CA GLU B 517 10.52 8.33 -2.63
C GLU B 517 10.71 9.84 -2.46
N ASP B 518 10.08 10.39 -1.40
CA ASP B 518 10.00 11.84 -1.16
C ASP B 518 11.29 12.42 -0.58
N ASN B 519 11.91 11.71 0.35
CA ASN B 519 12.95 12.25 1.22
C ASN B 519 14.12 11.28 1.31
N VAL B 520 14.64 10.85 0.16
CA VAL B 520 15.85 10.04 0.11
C VAL B 520 17.03 10.80 -0.48
N CYS B 521 16.79 11.55 -1.56
CA CYS B 521 17.84 12.43 -2.08
C CYS B 521 18.15 13.53 -1.06
N TYR B 522 19.44 13.92 -0.98
CA TYR B 522 19.94 14.76 0.12
C TYR B 522 21.21 15.51 -0.29
N MET B 523 21.37 16.75 0.19
CA MET B 523 22.61 17.49 -0.09
C MET B 523 22.96 18.40 1.09
N LYS B 524 24.26 18.72 1.18
CA LYS B 524 24.75 19.59 2.26
C LYS B 524 26.00 20.34 1.83
N LEU B 525 26.20 21.50 2.45
CA LEU B 525 27.41 22.31 2.35
C LEU B 525 28.03 22.46 3.74
N VAL B 526 29.29 22.05 3.87
CA VAL B 526 30.03 22.12 5.14
C VAL B 526 30.93 23.35 5.08
N CYS B 527 30.70 24.33 5.98
CA CYS B 527 31.28 25.67 5.85
C CYS B 527 32.05 26.08 7.11
N ARG B 528 33.03 26.97 6.93
CA ARG B 528 33.87 27.44 8.04
C ARG B 528 33.48 28.87 8.43
N LYS B 529 32.98 29.03 9.65
CA LYS B 529 32.40 30.30 10.06
C LYS B 529 33.44 31.42 10.06
N SER B 530 34.61 31.15 10.62
CA SER B 530 35.59 32.22 10.81
C SER B 530 36.30 32.63 9.53
N ASP B 531 36.01 31.97 8.40
CA ASP B 531 36.59 32.33 7.11
C ASP B 531 35.49 32.69 6.12
N ASN B 532 34.60 33.60 6.52
CA ASN B 532 33.57 34.13 5.62
C ASN B 532 32.60 33.04 5.13
N MET B 533 32.38 32.00 5.93
CA MET B 533 31.54 30.85 5.54
C MET B 533 32.05 30.17 4.27
N ARG B 534 33.38 30.01 4.18
CA ARG B 534 34.00 29.26 3.10
C ARG B 534 33.41 27.86 3.01
N VAL B 535 33.15 27.40 1.77
CA VAL B 535 32.66 26.04 1.55
C VAL B 535 33.85 25.08 1.61
N LEU B 536 33.93 24.29 2.69
CA LEU B 536 34.97 23.29 2.88
C LEU B 536 34.66 21.98 2.13
N GLY B 537 33.38 21.62 2.06
CA GLY B 537 32.97 20.40 1.38
C GLY B 537 31.56 20.46 0.86
N LEU B 538 31.31 19.84 -0.30
CA LEU B 538 30.00 19.75 -0.94
C LEU B 538 29.65 18.28 -1.13
N HIS B 539 28.40 17.91 -0.87
CA HIS B 539 27.97 16.50 -0.89
C HIS B 539 26.56 16.41 -1.45
N VAL B 540 26.31 15.50 -2.41
CA VAL B 540 24.97 15.30 -2.96
C VAL B 540 24.70 13.83 -3.26
N LEU B 541 23.56 13.32 -2.79
CA LEU B 541 23.05 11.97 -3.08
C LEU B 541 21.83 12.12 -3.99
N GLY B 542 21.92 11.66 -5.26
CA GLY B 542 20.80 11.81 -6.19
C GLY B 542 21.14 11.38 -7.61
N PRO B 543 20.17 11.43 -8.53
CA PRO B 543 20.48 11.05 -9.93
C PRO B 543 21.47 12.02 -10.57
N ASN B 544 22.29 11.50 -11.49
CA ASN B 544 23.26 12.29 -12.27
C ASN B 544 24.20 13.09 -11.37
N ALA B 545 24.61 12.50 -10.23
CA ALA B 545 25.36 13.24 -9.22
C ALA B 545 26.71 13.74 -9.74
N GLY B 546 27.30 13.03 -10.70
CA GLY B 546 28.58 13.47 -11.25
C GLY B 546 28.41 14.69 -12.13
N GLU B 547 27.31 14.75 -12.91
CA GLU B 547 27.03 15.95 -13.69
C GLU B 547 26.74 17.13 -12.76
N ILE B 548 26.00 16.88 -11.66
CA ILE B 548 25.70 17.95 -10.70
C ILE B 548 26.99 18.52 -10.10
N THR B 549 27.88 17.63 -9.67
CA THR B 549 29.01 18.03 -8.83
C THR B 549 30.09 18.77 -9.64
N GLN B 550 30.30 18.40 -10.91
CA GLN B 550 31.52 18.80 -11.61
C GLN B 550 31.70 20.32 -11.62
N GLY B 551 30.66 21.06 -12.01
CA GLY B 551 30.80 22.50 -12.15
C GLY B 551 31.13 23.20 -10.85
N TYR B 552 30.59 22.71 -9.73
CA TYR B 552 30.89 23.30 -8.43
C TYR B 552 32.35 23.12 -8.04
N ALA B 553 33.04 22.11 -8.61
CA ALA B 553 34.46 21.92 -8.28
C ALA B 553 35.31 23.08 -8.76
N VAL B 554 34.91 23.76 -9.85
CA VAL B 554 35.61 24.98 -10.28
C VAL B 554 35.42 26.08 -9.25
N ALA B 555 34.18 26.27 -8.76
CA ALA B 555 33.93 27.31 -7.76
C ALA B 555 34.68 27.04 -6.47
N ILE B 556 34.74 25.78 -6.02
CA ILE B 556 35.47 25.47 -4.79
C ILE B 556 36.97 25.69 -5.00
N LYS B 557 37.50 25.34 -6.19
CA LYS B 557 38.89 25.65 -6.50
C LYS B 557 39.18 27.14 -6.33
N MET B 558 38.21 28.00 -6.68
CA MET B 558 38.35 29.45 -6.60
C MET B 558 38.02 30.02 -5.23
N GLY B 559 37.71 29.18 -4.25
CA GLY B 559 37.42 29.66 -2.89
C GLY B 559 36.01 30.11 -2.63
N ALA B 560 35.01 29.44 -3.21
CA ALA B 560 33.63 29.87 -3.02
C ALA B 560 33.22 29.89 -1.54
N THR B 561 32.39 30.88 -1.18
CA THR B 561 31.73 31.02 0.12
C THR B 561 30.23 30.72 -0.03
N LYS B 562 29.53 30.60 1.11
CA LYS B 562 28.08 30.44 1.07
C LYS B 562 27.41 31.63 0.36
N ALA B 563 27.96 32.83 0.55
CA ALA B 563 27.38 34.00 -0.11
C ALA B 563 27.49 33.88 -1.64
N ASP B 564 28.55 33.24 -2.15
CA ASP B 564 28.64 33.03 -3.59
C ASP B 564 27.52 32.10 -4.10
N PHE B 565 27.23 31.03 -3.35
CA PHE B 565 26.08 30.18 -3.71
C PHE B 565 24.76 30.95 -3.62
N ASP B 566 24.61 31.80 -2.59
CA ASP B 566 23.36 32.54 -2.42
C ASP B 566 23.11 33.53 -3.56
N ARG B 567 24.15 34.27 -3.98
CA ARG B 567 23.93 35.29 -4.99
C ARG B 567 23.77 34.72 -6.40
N THR B 568 24.17 33.46 -6.64
CA THR B 568 23.97 32.80 -7.94
C THR B 568 22.52 32.29 -8.02
N ILE B 569 21.89 32.46 -9.20
CA ILE B 569 20.48 32.09 -9.38
C ILE B 569 20.38 30.66 -9.92
N GLY B 570 19.32 29.95 -9.50
CA GLY B 570 19.12 28.59 -9.96
C GLY B 570 18.61 28.49 -11.40
N ILE B 571 18.84 27.31 -12.01
CA ILE B 571 18.18 26.86 -13.25
C ILE B 571 17.03 25.94 -12.87
N HIS B 572 15.81 26.25 -13.34
CA HIS B 572 14.59 25.49 -12.97
C HIS B 572 13.93 24.86 -14.19
N PRO B 573 13.45 23.58 -14.08
CA PRO B 573 13.52 22.66 -12.93
C PRO B 573 14.73 21.72 -13.03
N THR B 574 15.59 21.71 -12.01
CA THR B 574 16.75 20.82 -11.93
C THR B 574 16.93 20.35 -10.50
N CYS B 575 17.70 19.26 -10.34
CA CYS B 575 18.11 18.86 -8.99
C CYS B 575 19.18 19.82 -8.46
N SER B 576 20.10 20.24 -9.32
CA SER B 576 21.25 21.02 -8.87
C SER B 576 20.86 22.36 -8.27
N GLU B 577 19.76 22.97 -8.73
CA GLU B 577 19.40 24.31 -8.25
C GLU B 577 19.19 24.35 -6.74
N THR B 578 18.90 23.20 -6.09
CA THR B 578 18.67 23.21 -4.64
C THR B 578 19.88 23.75 -3.87
N PHE B 579 21.09 23.66 -4.45
CA PHE B 579 22.29 24.23 -3.82
C PHE B 579 22.25 25.75 -3.75
N THR B 580 21.42 26.40 -4.58
CA THR B 580 21.48 27.86 -4.63
C THR B 580 20.57 28.53 -3.60
N THR B 581 19.73 27.77 -2.88
CA THR B 581 18.77 28.34 -1.93
C THR B 581 18.81 27.64 -0.56
N LEU B 582 19.90 26.97 -0.21
CA LEU B 582 19.97 26.28 1.07
C LEU B 582 19.88 27.27 2.24
N HIS B 583 19.19 26.87 3.31
CA HIS B 583 19.04 27.78 4.45
C HIS B 583 18.92 27.09 5.81
N VAL B 584 18.53 25.81 5.86
CA VAL B 584 18.39 25.10 7.15
C VAL B 584 19.78 24.68 7.63
N THR B 585 20.15 25.11 8.84
CA THR B 585 21.40 24.66 9.46
C THR B 585 21.17 23.46 10.37
N LYS B 586 22.20 22.62 10.51
CA LYS B 586 22.12 21.51 11.44
C LYS B 586 22.01 22.01 12.88
N LYS B 587 22.72 23.10 13.21
CA LYS B 587 22.67 23.61 14.58
C LYS B 587 21.26 24.02 14.98
N SER B 588 20.46 24.52 14.04
CA SER B 588 19.10 24.96 14.34
C SER B 588 18.19 23.81 14.76
N GLY B 589 18.49 22.58 14.36
CA GLY B 589 17.63 21.46 14.65
C GLY B 589 16.37 21.37 13.82
N VAL B 590 16.18 22.25 12.84
CA VAL B 590 14.99 22.25 11.99
C VAL B 590 15.10 21.11 10.99
N SER B 591 13.99 20.45 10.68
CA SER B 591 14.01 19.29 9.80
C SER B 591 14.45 19.69 8.38
N PRO B 592 15.25 18.86 7.71
CA PRO B 592 15.57 19.11 6.30
C PRO B 592 14.59 18.56 5.27
N ILE B 593 13.46 17.96 5.68
CA ILE B 593 12.60 17.25 4.69
C ILE B 593 11.85 18.25 3.81
N VAL B 594 11.39 17.75 2.66
CA VAL B 594 10.79 18.62 1.63
C VAL B 594 9.38 19.10 2.01
#